data_1VM4
# 
_entry.id   1VM4 
# 
_audit_conform.dict_name       mmcif_pdbx.dic 
_audit_conform.dict_version    5.398 
_audit_conform.dict_location   http://mmcif.pdb.org/dictionaries/ascii/mmcif_pdbx.dic 
# 
loop_
_database_2.database_id 
_database_2.database_code 
_database_2.pdbx_database_accession 
_database_2.pdbx_DOI 
PDB   1VM4         pdb_00001vm4 10.2210/pdb1vm4/pdb 
RCSB  RCSB002000   ?            ?                   
WWPDB D_1000002000 ?            ?                   
# 
loop_
_pdbx_audit_revision_history.ordinal 
_pdbx_audit_revision_history.data_content_type 
_pdbx_audit_revision_history.major_revision 
_pdbx_audit_revision_history.minor_revision 
_pdbx_audit_revision_history.revision_date 
1 'Structure model' 1 0 2004-12-07 
2 'Structure model' 1 1 2008-04-26 
3 'Structure model' 1 2 2011-07-13 
4 'Structure model' 1 3 2020-06-24 
5 'Structure model' 1 4 2023-12-27 
6 'Structure model' 1 5 2024-10-30 
# 
_pdbx_audit_revision_details.ordinal             1 
_pdbx_audit_revision_details.revision_ordinal    1 
_pdbx_audit_revision_details.data_content_type   'Structure model' 
_pdbx_audit_revision_details.provider            repository 
_pdbx_audit_revision_details.type                'Initial release' 
_pdbx_audit_revision_details.description         ? 
_pdbx_audit_revision_details.details             ? 
# 
loop_
_pdbx_audit_revision_group.ordinal 
_pdbx_audit_revision_group.revision_ordinal 
_pdbx_audit_revision_group.data_content_type 
_pdbx_audit_revision_group.group 
1 2 'Structure model' 'Version format compliance' 
2 3 'Structure model' 'Version format compliance' 
3 4 'Structure model' 'Database references'       
4 4 'Structure model' 'Derived calculations'      
5 4 'Structure model' 'Source and taxonomy'       
6 5 'Structure model' 'Data collection'           
7 5 'Structure model' 'Database references'       
8 5 'Structure model' 'Derived calculations'      
9 6 'Structure model' 'Structure summary'         
# 
loop_
_pdbx_audit_revision_category.ordinal 
_pdbx_audit_revision_category.revision_ordinal 
_pdbx_audit_revision_category.data_content_type 
_pdbx_audit_revision_category.category 
1  4 'Structure model' pdbx_entity_src_syn       
2  4 'Structure model' pdbx_struct_assembly      
3  4 'Structure model' pdbx_struct_oper_list     
4  4 'Structure model' struct_conn               
5  4 'Structure model' struct_ref                
6  4 'Structure model' struct_ref_seq            
7  5 'Structure model' chem_comp_atom            
8  5 'Structure model' chem_comp_bond            
9  5 'Structure model' database_2                
10 5 'Structure model' struct_site               
11 6 'Structure model' pdbx_entry_details        
12 6 'Structure model' pdbx_modification_feature 
# 
loop_
_pdbx_audit_revision_item.ordinal 
_pdbx_audit_revision_item.revision_ordinal 
_pdbx_audit_revision_item.data_content_type 
_pdbx_audit_revision_item.item 
1  4 'Structure model' '_pdbx_entity_src_syn.ncbi_taxonomy_id'    
2  4 'Structure model' '_pdbx_entity_src_syn.organism_scientific' 
3  4 'Structure model' '_pdbx_entity_src_syn.pdbx_beg_seq_num'    
4  4 'Structure model' '_pdbx_entity_src_syn.pdbx_end_seq_num'    
5  4 'Structure model' '_struct_conn.pdbx_leaving_atom_flag'      
6  5 'Structure model' '_database_2.pdbx_DOI'                     
7  5 'Structure model' '_database_2.pdbx_database_accession'      
8  5 'Structure model' '_struct_site.pdbx_auth_asym_id'           
9  5 'Structure model' '_struct_site.pdbx_auth_comp_id'           
10 5 'Structure model' '_struct_site.pdbx_auth_seq_id'            
# 
_pdbx_database_status.entry_id                        1VM4 
_pdbx_database_status.status_code                     REL 
_pdbx_database_status.deposit_site                    RCSB 
_pdbx_database_status.process_site                    RCSB 
_pdbx_database_status.recvd_initial_deposition_date   2004-08-31 
_pdbx_database_status.status_code_sf                  ? 
_pdbx_database_status.status_code_mr                  REL 
_pdbx_database_status.SG_entry                        ? 
_pdbx_database_status.pdb_format_compatible           Y 
_pdbx_database_status.status_code_cs                  ? 
_pdbx_database_status.status_code_nmr_data            ? 
_pdbx_database_status.methods_development_category    ? 
# 
loop_
_pdbx_database_related.db_name 
_pdbx_database_related.db_id 
_pdbx_database_related.details 
_pdbx_database_related.content_type 
PDB 1O53 'NMR structure of the membrane anchor' unspecified 
PDB 1vm2 .                                      unspecified 
PDB 1vm3 .                                      unspecified 
PDB 1vm5 .                                      unspecified 
# 
loop_
_audit_author.name 
_audit_author.pdbx_ordinal 
'Wang, G.' 1 
'Li, X.'   2 
# 
_citation.id                        primary 
_citation.title                     
;Correlation of Three-dimensional Structures with the Antibacterial Activity of a Group of Peptides Designed Based on a Nontoxic Bacterial Membrane Anchor.
;
_citation.journal_abbrev            J.Biol.Chem. 
_citation.journal_volume            280 
_citation.page_first                5803 
_citation.page_last                 5811 
_citation.year                      2005 
_citation.journal_id_ASTM           JBCHA3 
_citation.country                   US 
_citation.journal_id_ISSN           0021-9258 
_citation.journal_id_CSD            0071 
_citation.book_publisher            ? 
_citation.pdbx_database_id_PubMed   15572363 
_citation.pdbx_database_id_DOI      10.1074/jbc.M410116200 
# 
loop_
_citation_author.citation_id 
_citation_author.name 
_citation_author.ordinal 
_citation_author.identifier_ORCID 
primary 'Wang, G.' 1 ? 
primary 'Li, Y.'   2 ? 
primary 'Li, X.'   3 ? 
# 
_entity.id                         1 
_entity.type                       polymer 
_entity.src_method                 syn 
_entity.pdbx_description           'peptide A4' 
_entity.formula_weight             1480.770 
_entity.pdbx_number_of_molecules   1 
_entity.pdbx_ec                    ? 
_entity.pdbx_mutation              ? 
_entity.pdbx_fragment              ? 
_entity.details                    ? 
# 
_entity_poly.entity_id                      1 
_entity_poly.type                           'polypeptide(L)' 
_entity_poly.nstd_linkage                   no 
_entity_poly.nstd_monomer                   yes 
_entity_poly.pdbx_seq_one_letter_code       'GLFDIVKKLVSDF(NH2)' 
_entity_poly.pdbx_seq_one_letter_code_can   GLFDIVKKLVSDFX 
_entity_poly.pdbx_strand_id                 A 
_entity_poly.pdbx_target_identifier         ? 
# 
loop_
_entity_poly_seq.entity_id 
_entity_poly_seq.num 
_entity_poly_seq.mon_id 
_entity_poly_seq.hetero 
1 1  GLY n 
1 2  LEU n 
1 3  PHE n 
1 4  ASP n 
1 5  ILE n 
1 6  VAL n 
1 7  LYS n 
1 8  LYS n 
1 9  LEU n 
1 10 VAL n 
1 11 SER n 
1 12 ASP n 
1 13 PHE n 
1 14 NH2 n 
# 
_pdbx_entity_src_syn.entity_id              1 
_pdbx_entity_src_syn.pdbx_src_id            1 
_pdbx_entity_src_syn.pdbx_alt_source_flag   sample 
_pdbx_entity_src_syn.pdbx_beg_seq_num       1 
_pdbx_entity_src_syn.pdbx_end_seq_num       14 
_pdbx_entity_src_syn.organism_scientific    'synthetic construct' 
_pdbx_entity_src_syn.organism_common_name   ? 
_pdbx_entity_src_syn.ncbi_taxonomy_id       32630 
_pdbx_entity_src_syn.details                
;The peptide was synthesized using the solid-phase method and purified by HPLC. The template sequence of the peptide is naturally found in Escherichia coli (bacteria).
;
# 
loop_
_chem_comp.id 
_chem_comp.type 
_chem_comp.mon_nstd_flag 
_chem_comp.name 
_chem_comp.pdbx_synonyms 
_chem_comp.formula 
_chem_comp.formula_weight 
ASP 'L-peptide linking' y 'ASPARTIC ACID' ? 'C4 H7 N O4'     133.103 
GLY 'peptide linking'   y GLYCINE         ? 'C2 H5 N O2'     75.067  
ILE 'L-peptide linking' y ISOLEUCINE      ? 'C6 H13 N O2'    131.173 
LEU 'L-peptide linking' y LEUCINE         ? 'C6 H13 N O2'    131.173 
LYS 'L-peptide linking' y LYSINE          ? 'C6 H15 N2 O2 1' 147.195 
NH2 non-polymer         . 'AMINO GROUP'   ? 'H2 N'           16.023  
PHE 'L-peptide linking' y PHENYLALANINE   ? 'C9 H11 N O2'    165.189 
SER 'L-peptide linking' y SERINE          ? 'C3 H7 N O3'     105.093 
VAL 'L-peptide linking' y VALINE          ? 'C5 H11 N O2'    117.146 
# 
loop_
_pdbx_poly_seq_scheme.asym_id 
_pdbx_poly_seq_scheme.entity_id 
_pdbx_poly_seq_scheme.seq_id 
_pdbx_poly_seq_scheme.mon_id 
_pdbx_poly_seq_scheme.ndb_seq_num 
_pdbx_poly_seq_scheme.pdb_seq_num 
_pdbx_poly_seq_scheme.auth_seq_num 
_pdbx_poly_seq_scheme.pdb_mon_id 
_pdbx_poly_seq_scheme.auth_mon_id 
_pdbx_poly_seq_scheme.pdb_strand_id 
_pdbx_poly_seq_scheme.pdb_ins_code 
_pdbx_poly_seq_scheme.hetero 
A 1 1  GLY 1  1  1  GLY GLY A . n 
A 1 2  LEU 2  2  2  LEU LEU A . n 
A 1 3  PHE 3  3  3  PHE PHE A . n 
A 1 4  ASP 4  4  4  ASP ASP A . n 
A 1 5  ILE 5  5  5  ILE ILE A . n 
A 1 6  VAL 6  6  6  VAL VAL A . n 
A 1 7  LYS 7  7  7  LYS LYS A . n 
A 1 8  LYS 8  8  8  LYS LYS A . n 
A 1 9  LEU 9  9  9  LEU LEU A . n 
A 1 10 VAL 10 10 10 VAL VAL A . n 
A 1 11 SER 11 11 11 SER SER A . n 
A 1 12 ASP 12 12 12 ASP ASP A . n 
A 1 13 PHE 13 13 13 PHE PHE A . n 
A 1 14 NH2 14 14 14 NH2 NH2 A . n 
# 
_cell.entry_id           1VM4 
_cell.length_a           1.000 
_cell.length_b           1.000 
_cell.length_c           1.000 
_cell.angle_alpha        90.00 
_cell.angle_beta         90.00 
_cell.angle_gamma        90.00 
_cell.Z_PDB              1 
_cell.pdbx_unique_axis   ? 
# 
_symmetry.entry_id                         1VM4 
_symmetry.space_group_name_H-M             'P 1' 
_symmetry.pdbx_full_space_group_name_H-M   ? 
_symmetry.cell_setting                     ? 
_symmetry.Int_Tables_number                1 
# 
_exptl.entry_id          1VM4 
_exptl.method            'SOLUTION NMR' 
_exptl.crystals_number   ? 
# 
_struct.entry_id                  1VM4 
_struct.title                     
;Solution structure of an antibacterial and antitumor peptide designed based on the N-terminal membrane anchor of E. coli enzyme IIA (Glucose)
;
_struct.pdbx_model_details        ? 
_struct.pdbx_CASP_flag            ? 
_struct.pdbx_model_type_details   ? 
# 
_struct_keywords.text            
'amphipathic helix, antimicrobial peptide, bacterial membrane anchor, anticancer peptide, ANTIBIOTIC' 
_struct_keywords.entry_id        1VM4 
_struct_keywords.pdbx_keywords   ANTIBIOTIC 
# 
_struct_asym.id                            A 
_struct_asym.pdbx_blank_PDB_chainid_flag   N 
_struct_asym.pdbx_modified                 N 
_struct_asym.entity_id                     1 
_struct_asym.details                       ? 
# 
_struct_ref.id                         1 
_struct_ref.db_name                    PDB 
_struct_ref.db_code                    1VM4 
_struct_ref.pdbx_db_accession          1VM4 
_struct_ref.pdbx_db_isoform            ? 
_struct_ref.entity_id                  1 
_struct_ref.pdbx_seq_one_letter_code   ? 
_struct_ref.pdbx_align_begin           1 
# 
_struct_ref_seq.align_id                      1 
_struct_ref_seq.ref_id                        1 
_struct_ref_seq.pdbx_PDB_id_code              1VM4 
_struct_ref_seq.pdbx_strand_id                A 
_struct_ref_seq.seq_align_beg                 1 
_struct_ref_seq.pdbx_seq_align_beg_ins_code   ? 
_struct_ref_seq.seq_align_end                 14 
_struct_ref_seq.pdbx_seq_align_end_ins_code   ? 
_struct_ref_seq.pdbx_db_accession             1VM4 
_struct_ref_seq.db_align_beg                  1 
_struct_ref_seq.pdbx_db_align_beg_ins_code    ? 
_struct_ref_seq.db_align_end                  14 
_struct_ref_seq.pdbx_db_align_end_ins_code    ? 
_struct_ref_seq.pdbx_auth_seq_align_beg       1 
_struct_ref_seq.pdbx_auth_seq_align_end       14 
# 
_pdbx_struct_assembly.id                   1 
_pdbx_struct_assembly.details              author_defined_assembly 
_pdbx_struct_assembly.method_details       ? 
_pdbx_struct_assembly.oligomeric_details   monomeric 
_pdbx_struct_assembly.oligomeric_count     1 
# 
_pdbx_struct_assembly_gen.assembly_id       1 
_pdbx_struct_assembly_gen.oper_expression   1 
_pdbx_struct_assembly_gen.asym_id_list      A 
# 
_pdbx_struct_oper_list.id                   1 
_pdbx_struct_oper_list.type                 'identity operation' 
_pdbx_struct_oper_list.name                 1_555 
_pdbx_struct_oper_list.symmetry_operation   ? 
_pdbx_struct_oper_list.matrix[1][1]         1.0000000000 
_pdbx_struct_oper_list.matrix[1][2]         0.0000000000 
_pdbx_struct_oper_list.matrix[1][3]         0.0000000000 
_pdbx_struct_oper_list.vector[1]            0.0000000000 
_pdbx_struct_oper_list.matrix[2][1]         0.0000000000 
_pdbx_struct_oper_list.matrix[2][2]         1.0000000000 
_pdbx_struct_oper_list.matrix[2][3]         0.0000000000 
_pdbx_struct_oper_list.vector[2]            0.0000000000 
_pdbx_struct_oper_list.matrix[3][1]         0.0000000000 
_pdbx_struct_oper_list.matrix[3][2]         0.0000000000 
_pdbx_struct_oper_list.matrix[3][3]         1.0000000000 
_pdbx_struct_oper_list.vector[3]            0.0000000000 
# 
_struct_conf.conf_type_id            HELX_P 
_struct_conf.id                      HELX_P1 
_struct_conf.pdbx_PDB_helix_id       1 
_struct_conf.beg_label_comp_id       LEU 
_struct_conf.beg_label_asym_id       A 
_struct_conf.beg_label_seq_id        2 
_struct_conf.pdbx_beg_PDB_ins_code   ? 
_struct_conf.end_label_comp_id       SER 
_struct_conf.end_label_asym_id       A 
_struct_conf.end_label_seq_id        11 
_struct_conf.pdbx_end_PDB_ins_code   ? 
_struct_conf.beg_auth_comp_id        LEU 
_struct_conf.beg_auth_asym_id        A 
_struct_conf.beg_auth_seq_id         2 
_struct_conf.end_auth_comp_id        SER 
_struct_conf.end_auth_asym_id        A 
_struct_conf.end_auth_seq_id         11 
_struct_conf.pdbx_PDB_helix_class    1 
_struct_conf.details                 ? 
_struct_conf.pdbx_PDB_helix_length   10 
# 
_struct_conf_type.id          HELX_P 
_struct_conf_type.criteria    ? 
_struct_conf_type.reference   ? 
# 
_struct_conn.id                            covale1 
_struct_conn.conn_type_id                  covale 
_struct_conn.pdbx_leaving_atom_flag        both 
_struct_conn.pdbx_PDB_id                   ? 
_struct_conn.ptnr1_label_asym_id           A 
_struct_conn.ptnr1_label_comp_id           PHE 
_struct_conn.ptnr1_label_seq_id            13 
_struct_conn.ptnr1_label_atom_id           C 
_struct_conn.pdbx_ptnr1_label_alt_id       ? 
_struct_conn.pdbx_ptnr1_PDB_ins_code       ? 
_struct_conn.pdbx_ptnr1_standard_comp_id   ? 
_struct_conn.ptnr1_symmetry                1_555 
_struct_conn.ptnr2_label_asym_id           A 
_struct_conn.ptnr2_label_comp_id           NH2 
_struct_conn.ptnr2_label_seq_id            14 
_struct_conn.ptnr2_label_atom_id           N 
_struct_conn.pdbx_ptnr2_label_alt_id       ? 
_struct_conn.pdbx_ptnr2_PDB_ins_code       ? 
_struct_conn.ptnr1_auth_asym_id            A 
_struct_conn.ptnr1_auth_comp_id            PHE 
_struct_conn.ptnr1_auth_seq_id             13 
_struct_conn.ptnr2_auth_asym_id            A 
_struct_conn.ptnr2_auth_comp_id            NH2 
_struct_conn.ptnr2_auth_seq_id             14 
_struct_conn.ptnr2_symmetry                1_555 
_struct_conn.pdbx_ptnr3_label_atom_id      ? 
_struct_conn.pdbx_ptnr3_label_seq_id       ? 
_struct_conn.pdbx_ptnr3_label_comp_id      ? 
_struct_conn.pdbx_ptnr3_label_asym_id      ? 
_struct_conn.pdbx_ptnr3_label_alt_id       ? 
_struct_conn.pdbx_ptnr3_PDB_ins_code       ? 
_struct_conn.details                       ? 
_struct_conn.pdbx_dist_value               1.306 
_struct_conn.pdbx_value_order              ? 
_struct_conn.pdbx_role                     ? 
# 
_struct_conn_type.id          covale 
_struct_conn_type.criteria    ? 
_struct_conn_type.reference   ? 
# 
_pdbx_modification_feature.ordinal                            1 
_pdbx_modification_feature.label_comp_id                      NH2 
_pdbx_modification_feature.label_asym_id                      A 
_pdbx_modification_feature.label_seq_id                       14 
_pdbx_modification_feature.label_alt_id                       ? 
_pdbx_modification_feature.modified_residue_label_comp_id     PHE 
_pdbx_modification_feature.modified_residue_label_asym_id     A 
_pdbx_modification_feature.modified_residue_label_seq_id      13 
_pdbx_modification_feature.modified_residue_label_alt_id      ? 
_pdbx_modification_feature.auth_comp_id                       NH2 
_pdbx_modification_feature.auth_asym_id                       A 
_pdbx_modification_feature.auth_seq_id                        14 
_pdbx_modification_feature.PDB_ins_code                       ? 
_pdbx_modification_feature.symmetry                           1_555 
_pdbx_modification_feature.modified_residue_auth_comp_id      PHE 
_pdbx_modification_feature.modified_residue_auth_asym_id      A 
_pdbx_modification_feature.modified_residue_auth_seq_id       13 
_pdbx_modification_feature.modified_residue_PDB_ins_code      ? 
_pdbx_modification_feature.modified_residue_symmetry          1_555 
_pdbx_modification_feature.comp_id_linking_atom               . 
_pdbx_modification_feature.modified_residue_id_linking_atom   . 
_pdbx_modification_feature.modified_residue_id                PHE 
_pdbx_modification_feature.ref_pcm_id                         15 
_pdbx_modification_feature.ref_comp_id                        NH2 
_pdbx_modification_feature.type                               None 
_pdbx_modification_feature.category                           'Terminal amidation' 
# 
_struct_site.id                   AC1 
_struct_site.pdbx_evidence_code   Software 
_struct_site.pdbx_auth_asym_id    A 
_struct_site.pdbx_auth_comp_id    NH2 
_struct_site.pdbx_auth_seq_id     14 
_struct_site.pdbx_auth_ins_code   ? 
_struct_site.pdbx_num_residues    3 
_struct_site.details              'BINDING SITE FOR RESIDUE NH2 A 14' 
# 
loop_
_struct_site_gen.id 
_struct_site_gen.site_id 
_struct_site_gen.pdbx_num_res 
_struct_site_gen.label_comp_id 
_struct_site_gen.label_asym_id 
_struct_site_gen.label_seq_id 
_struct_site_gen.pdbx_auth_ins_code 
_struct_site_gen.auth_comp_id 
_struct_site_gen.auth_asym_id 
_struct_site_gen.auth_seq_id 
_struct_site_gen.label_atom_id 
_struct_site_gen.label_alt_id 
_struct_site_gen.symmetry 
_struct_site_gen.details 
1 AC1 3 LEU A 9  ? LEU A 9  . ? 1_555 ? 
2 AC1 3 VAL A 10 ? VAL A 10 . ? 1_555 ? 
3 AC1 3 PHE A 13 ? PHE A 13 . ? 1_555 ? 
# 
_pdbx_entry_details.entry_id                   1VM4 
_pdbx_entry_details.compound_details           ? 
_pdbx_entry_details.source_details             ? 
_pdbx_entry_details.nonpolymer_details         ? 
_pdbx_entry_details.sequence_details           ? 
_pdbx_entry_details.has_ligand_of_interest     ? 
_pdbx_entry_details.has_protein_modification   Y 
# 
_pdbx_validate_close_contact.id               1 
_pdbx_validate_close_contact.PDB_model_num    5 
_pdbx_validate_close_contact.auth_atom_id_1   O 
_pdbx_validate_close_contact.auth_asym_id_1   A 
_pdbx_validate_close_contact.auth_comp_id_1   PHE 
_pdbx_validate_close_contact.auth_seq_id_1    3 
_pdbx_validate_close_contact.PDB_ins_code_1   ? 
_pdbx_validate_close_contact.label_alt_id_1   ? 
_pdbx_validate_close_contact.auth_atom_id_2   H 
_pdbx_validate_close_contact.auth_asym_id_2   A 
_pdbx_validate_close_contact.auth_comp_id_2   LYS 
_pdbx_validate_close_contact.auth_seq_id_2    7 
_pdbx_validate_close_contact.PDB_ins_code_2   ? 
_pdbx_validate_close_contact.label_alt_id_2   ? 
_pdbx_validate_close_contact.dist             1.57 
# 
_pdbx_nmr_ensemble.conformers_calculated_total_number            100 
_pdbx_nmr_ensemble.conformers_submitted_total_number             5 
_pdbx_nmr_ensemble.conformer_selection_criteria                  
;No NOE violations greater than 0.50,
rms difference for bond deviations from ideality less than 0.01 A,
rms difference for angle deviations from ideality less than 5 degrees,
Structures with the lowerest energies in the ensemble.
;
_pdbx_nmr_ensemble.entry_id                                      1VM4 
_pdbx_nmr_ensemble.average_constraints_per_residue               ? 
_pdbx_nmr_ensemble.average_constraint_violations_per_residue     ? 
_pdbx_nmr_ensemble.maximum_distance_constraint_violation         ? 
_pdbx_nmr_ensemble.average_distance_constraint_violation         ? 
_pdbx_nmr_ensemble.maximum_upper_distance_constraint_violation   ? 
_pdbx_nmr_ensemble.maximum_lower_distance_constraint_violation   ? 
_pdbx_nmr_ensemble.distance_constraint_violation_method          ? 
_pdbx_nmr_ensemble.maximum_torsion_angle_constraint_violation    ? 
_pdbx_nmr_ensemble.average_torsion_angle_constraint_violation    ? 
_pdbx_nmr_ensemble.torsion_angle_constraint_violation_method     ? 
# 
_pdbx_nmr_representative.conformer_id         1 
_pdbx_nmr_representative.selection_criteria   'most resemble the average structure' 
_pdbx_nmr_representative.entry_id             1VM4 
# 
_pdbx_nmr_sample_details.solution_id      1 
_pdbx_nmr_sample_details.contents         '2mM peptide, 80mM sodium dodecylsulfate, 90% H2O and 10% D2O' 
_pdbx_nmr_sample_details.solvent_system   '90% H2O and 10% D2O' 
# 
_pdbx_nmr_exptl_sample_conditions.conditions_id       1 
_pdbx_nmr_exptl_sample_conditions.temperature         298 
_pdbx_nmr_exptl_sample_conditions.pressure            ambient 
_pdbx_nmr_exptl_sample_conditions.pH                  5.4 
_pdbx_nmr_exptl_sample_conditions.ionic_strength      ? 
_pdbx_nmr_exptl_sample_conditions.pressure_units      ? 
_pdbx_nmr_exptl_sample_conditions.temperature_units   K 
# 
loop_
_pdbx_nmr_exptl.experiment_id 
_pdbx_nmr_exptl.solution_id 
_pdbx_nmr_exptl.conditions_id 
_pdbx_nmr_exptl.type 
1 1 1 '2D NOESY'     
2 1 1 TOCSY          
3 1 1 DQF-COSY       
4 1 1 '(1H,15N)HSQC' 
5 1 1 '(1H,13C)HSQC' 
# 
_pdbx_nmr_details.text       
;This structure was determined using standard 2D homonuclear NMR techniques, plus the use of backbone angle restraints derived from a set of heteronuclear chemical shifts measured on the natural abundance peptide bound to micelles.
;
_pdbx_nmr_details.entry_id   1VM4 
# 
_pdbx_nmr_refine.method             'simulated annealing' 
_pdbx_nmr_refine.details            
;The structures are based on 109 distances derived from the NOESY spectra, 22 backbone dihedral angles derived from a set of chemical shifts using the NMR program TALOS, and 5 chi1 angle restraints.
;
_pdbx_nmr_refine.entry_id           1VM4 
_pdbx_nmr_refine.software_ordinal   1 
# 
loop_
_pdbx_nmr_software.name 
_pdbx_nmr_software.version 
_pdbx_nmr_software.classification 
_pdbx_nmr_software.authors 
_pdbx_nmr_software.ordinal 
NMRPipe/nmrDraw 2.1  'data processing'                 'Delaglio, F.'                                             1 
PIPP            1.0  'noe picking'                     'Garrett, D.'                                              2 
XPLOR-NIH       1.06 refinement                        'Schwieters, C.D., Kuszewski, J., Tjandra, N, Clore, G.M.' 3 
MOLMOL          2K.1 'structural analysis and viewing' 'Koradi, R.'                                               4 
# 
loop_
_chem_comp_atom.comp_id 
_chem_comp_atom.atom_id 
_chem_comp_atom.type_symbol 
_chem_comp_atom.pdbx_aromatic_flag 
_chem_comp_atom.pdbx_stereo_config 
_chem_comp_atom.pdbx_ordinal 
ASP N    N N N 1   
ASP CA   C N S 2   
ASP C    C N N 3   
ASP O    O N N 4   
ASP CB   C N N 5   
ASP CG   C N N 6   
ASP OD1  O N N 7   
ASP OD2  O N N 8   
ASP OXT  O N N 9   
ASP H    H N N 10  
ASP H2   H N N 11  
ASP HA   H N N 12  
ASP HB2  H N N 13  
ASP HB3  H N N 14  
ASP HD2  H N N 15  
ASP HXT  H N N 16  
GLY N    N N N 17  
GLY CA   C N N 18  
GLY C    C N N 19  
GLY O    O N N 20  
GLY OXT  O N N 21  
GLY H    H N N 22  
GLY H2   H N N 23  
GLY HA2  H N N 24  
GLY HA3  H N N 25  
GLY HXT  H N N 26  
ILE N    N N N 27  
ILE CA   C N S 28  
ILE C    C N N 29  
ILE O    O N N 30  
ILE CB   C N S 31  
ILE CG1  C N N 32  
ILE CG2  C N N 33  
ILE CD1  C N N 34  
ILE OXT  O N N 35  
ILE H    H N N 36  
ILE H2   H N N 37  
ILE HA   H N N 38  
ILE HB   H N N 39  
ILE HG12 H N N 40  
ILE HG13 H N N 41  
ILE HG21 H N N 42  
ILE HG22 H N N 43  
ILE HG23 H N N 44  
ILE HD11 H N N 45  
ILE HD12 H N N 46  
ILE HD13 H N N 47  
ILE HXT  H N N 48  
LEU N    N N N 49  
LEU CA   C N S 50  
LEU C    C N N 51  
LEU O    O N N 52  
LEU CB   C N N 53  
LEU CG   C N N 54  
LEU CD1  C N N 55  
LEU CD2  C N N 56  
LEU OXT  O N N 57  
LEU H    H N N 58  
LEU H2   H N N 59  
LEU HA   H N N 60  
LEU HB2  H N N 61  
LEU HB3  H N N 62  
LEU HG   H N N 63  
LEU HD11 H N N 64  
LEU HD12 H N N 65  
LEU HD13 H N N 66  
LEU HD21 H N N 67  
LEU HD22 H N N 68  
LEU HD23 H N N 69  
LEU HXT  H N N 70  
LYS N    N N N 71  
LYS CA   C N S 72  
LYS C    C N N 73  
LYS O    O N N 74  
LYS CB   C N N 75  
LYS CG   C N N 76  
LYS CD   C N N 77  
LYS CE   C N N 78  
LYS NZ   N N N 79  
LYS OXT  O N N 80  
LYS H    H N N 81  
LYS H2   H N N 82  
LYS HA   H N N 83  
LYS HB2  H N N 84  
LYS HB3  H N N 85  
LYS HG2  H N N 86  
LYS HG3  H N N 87  
LYS HD2  H N N 88  
LYS HD3  H N N 89  
LYS HE2  H N N 90  
LYS HE3  H N N 91  
LYS HZ1  H N N 92  
LYS HZ2  H N N 93  
LYS HZ3  H N N 94  
LYS HXT  H N N 95  
NH2 N    N N N 96  
NH2 HN1  H N N 97  
NH2 HN2  H N N 98  
PHE N    N N N 99  
PHE CA   C N S 100 
PHE C    C N N 101 
PHE O    O N N 102 
PHE CB   C N N 103 
PHE CG   C Y N 104 
PHE CD1  C Y N 105 
PHE CD2  C Y N 106 
PHE CE1  C Y N 107 
PHE CE2  C Y N 108 
PHE CZ   C Y N 109 
PHE OXT  O N N 110 
PHE H    H N N 111 
PHE H2   H N N 112 
PHE HA   H N N 113 
PHE HB2  H N N 114 
PHE HB3  H N N 115 
PHE HD1  H N N 116 
PHE HD2  H N N 117 
PHE HE1  H N N 118 
PHE HE2  H N N 119 
PHE HZ   H N N 120 
PHE HXT  H N N 121 
SER N    N N N 122 
SER CA   C N S 123 
SER C    C N N 124 
SER O    O N N 125 
SER CB   C N N 126 
SER OG   O N N 127 
SER OXT  O N N 128 
SER H    H N N 129 
SER H2   H N N 130 
SER HA   H N N 131 
SER HB2  H N N 132 
SER HB3  H N N 133 
SER HG   H N N 134 
SER HXT  H N N 135 
VAL N    N N N 136 
VAL CA   C N S 137 
VAL C    C N N 138 
VAL O    O N N 139 
VAL CB   C N N 140 
VAL CG1  C N N 141 
VAL CG2  C N N 142 
VAL OXT  O N N 143 
VAL H    H N N 144 
VAL H2   H N N 145 
VAL HA   H N N 146 
VAL HB   H N N 147 
VAL HG11 H N N 148 
VAL HG12 H N N 149 
VAL HG13 H N N 150 
VAL HG21 H N N 151 
VAL HG22 H N N 152 
VAL HG23 H N N 153 
VAL HXT  H N N 154 
# 
loop_
_chem_comp_bond.comp_id 
_chem_comp_bond.atom_id_1 
_chem_comp_bond.atom_id_2 
_chem_comp_bond.value_order 
_chem_comp_bond.pdbx_aromatic_flag 
_chem_comp_bond.pdbx_stereo_config 
_chem_comp_bond.pdbx_ordinal 
ASP N   CA   sing N N 1   
ASP N   H    sing N N 2   
ASP N   H2   sing N N 3   
ASP CA  C    sing N N 4   
ASP CA  CB   sing N N 5   
ASP CA  HA   sing N N 6   
ASP C   O    doub N N 7   
ASP C   OXT  sing N N 8   
ASP CB  CG   sing N N 9   
ASP CB  HB2  sing N N 10  
ASP CB  HB3  sing N N 11  
ASP CG  OD1  doub N N 12  
ASP CG  OD2  sing N N 13  
ASP OD2 HD2  sing N N 14  
ASP OXT HXT  sing N N 15  
GLY N   CA   sing N N 16  
GLY N   H    sing N N 17  
GLY N   H2   sing N N 18  
GLY CA  C    sing N N 19  
GLY CA  HA2  sing N N 20  
GLY CA  HA3  sing N N 21  
GLY C   O    doub N N 22  
GLY C   OXT  sing N N 23  
GLY OXT HXT  sing N N 24  
ILE N   CA   sing N N 25  
ILE N   H    sing N N 26  
ILE N   H2   sing N N 27  
ILE CA  C    sing N N 28  
ILE CA  CB   sing N N 29  
ILE CA  HA   sing N N 30  
ILE C   O    doub N N 31  
ILE C   OXT  sing N N 32  
ILE CB  CG1  sing N N 33  
ILE CB  CG2  sing N N 34  
ILE CB  HB   sing N N 35  
ILE CG1 CD1  sing N N 36  
ILE CG1 HG12 sing N N 37  
ILE CG1 HG13 sing N N 38  
ILE CG2 HG21 sing N N 39  
ILE CG2 HG22 sing N N 40  
ILE CG2 HG23 sing N N 41  
ILE CD1 HD11 sing N N 42  
ILE CD1 HD12 sing N N 43  
ILE CD1 HD13 sing N N 44  
ILE OXT HXT  sing N N 45  
LEU N   CA   sing N N 46  
LEU N   H    sing N N 47  
LEU N   H2   sing N N 48  
LEU CA  C    sing N N 49  
LEU CA  CB   sing N N 50  
LEU CA  HA   sing N N 51  
LEU C   O    doub N N 52  
LEU C   OXT  sing N N 53  
LEU CB  CG   sing N N 54  
LEU CB  HB2  sing N N 55  
LEU CB  HB3  sing N N 56  
LEU CG  CD1  sing N N 57  
LEU CG  CD2  sing N N 58  
LEU CG  HG   sing N N 59  
LEU CD1 HD11 sing N N 60  
LEU CD1 HD12 sing N N 61  
LEU CD1 HD13 sing N N 62  
LEU CD2 HD21 sing N N 63  
LEU CD2 HD22 sing N N 64  
LEU CD2 HD23 sing N N 65  
LEU OXT HXT  sing N N 66  
LYS N   CA   sing N N 67  
LYS N   H    sing N N 68  
LYS N   H2   sing N N 69  
LYS CA  C    sing N N 70  
LYS CA  CB   sing N N 71  
LYS CA  HA   sing N N 72  
LYS C   O    doub N N 73  
LYS C   OXT  sing N N 74  
LYS CB  CG   sing N N 75  
LYS CB  HB2  sing N N 76  
LYS CB  HB3  sing N N 77  
LYS CG  CD   sing N N 78  
LYS CG  HG2  sing N N 79  
LYS CG  HG3  sing N N 80  
LYS CD  CE   sing N N 81  
LYS CD  HD2  sing N N 82  
LYS CD  HD3  sing N N 83  
LYS CE  NZ   sing N N 84  
LYS CE  HE2  sing N N 85  
LYS CE  HE3  sing N N 86  
LYS NZ  HZ1  sing N N 87  
LYS NZ  HZ2  sing N N 88  
LYS NZ  HZ3  sing N N 89  
LYS OXT HXT  sing N N 90  
NH2 N   HN1  sing N N 91  
NH2 N   HN2  sing N N 92  
PHE N   CA   sing N N 93  
PHE N   H    sing N N 94  
PHE N   H2   sing N N 95  
PHE CA  C    sing N N 96  
PHE CA  CB   sing N N 97  
PHE CA  HA   sing N N 98  
PHE C   O    doub N N 99  
PHE C   OXT  sing N N 100 
PHE CB  CG   sing N N 101 
PHE CB  HB2  sing N N 102 
PHE CB  HB3  sing N N 103 
PHE CG  CD1  doub Y N 104 
PHE CG  CD2  sing Y N 105 
PHE CD1 CE1  sing Y N 106 
PHE CD1 HD1  sing N N 107 
PHE CD2 CE2  doub Y N 108 
PHE CD2 HD2  sing N N 109 
PHE CE1 CZ   doub Y N 110 
PHE CE1 HE1  sing N N 111 
PHE CE2 CZ   sing Y N 112 
PHE CE2 HE2  sing N N 113 
PHE CZ  HZ   sing N N 114 
PHE OXT HXT  sing N N 115 
SER N   CA   sing N N 116 
SER N   H    sing N N 117 
SER N   H2   sing N N 118 
SER CA  C    sing N N 119 
SER CA  CB   sing N N 120 
SER CA  HA   sing N N 121 
SER C   O    doub N N 122 
SER C   OXT  sing N N 123 
SER CB  OG   sing N N 124 
SER CB  HB2  sing N N 125 
SER CB  HB3  sing N N 126 
SER OG  HG   sing N N 127 
SER OXT HXT  sing N N 128 
VAL N   CA   sing N N 129 
VAL N   H    sing N N 130 
VAL N   H2   sing N N 131 
VAL CA  C    sing N N 132 
VAL CA  CB   sing N N 133 
VAL CA  HA   sing N N 134 
VAL C   O    doub N N 135 
VAL C   OXT  sing N N 136 
VAL CB  CG1  sing N N 137 
VAL CB  CG2  sing N N 138 
VAL CB  HB   sing N N 139 
VAL CG1 HG11 sing N N 140 
VAL CG1 HG12 sing N N 141 
VAL CG1 HG13 sing N N 142 
VAL CG2 HG21 sing N N 143 
VAL CG2 HG22 sing N N 144 
VAL CG2 HG23 sing N N 145 
VAL OXT HXT  sing N N 146 
# 
_pdbx_nmr_spectrometer.spectrometer_id   1 
_pdbx_nmr_spectrometer.manufacturer      Varian 
_pdbx_nmr_spectrometer.model             INOVA 
_pdbx_nmr_spectrometer.field_strength    600 
_pdbx_nmr_spectrometer.type              ? 
# 
_atom_sites.entry_id                    1VM4 
_atom_sites.fract_transf_matrix[1][1]   1.000000 
_atom_sites.fract_transf_matrix[1][2]   0.000000 
_atom_sites.fract_transf_matrix[1][3]   0.000000 
_atom_sites.fract_transf_matrix[2][1]   0.000000 
_atom_sites.fract_transf_matrix[2][2]   1.000000 
_atom_sites.fract_transf_matrix[2][3]   0.000000 
_atom_sites.fract_transf_matrix[3][1]   0.000000 
_atom_sites.fract_transf_matrix[3][2]   0.000000 
_atom_sites.fract_transf_matrix[3][3]   1.000000 
_atom_sites.fract_transf_vector[1]      0.00000 
_atom_sites.fract_transf_vector[2]      0.00000 
_atom_sites.fract_transf_vector[3]      0.00000 
# 
loop_
_atom_type.symbol 
C 
H 
N 
O 
# 
loop_
_atom_site.group_PDB 
_atom_site.id 
_atom_site.type_symbol 
_atom_site.label_atom_id 
_atom_site.label_alt_id 
_atom_site.label_comp_id 
_atom_site.label_asym_id 
_atom_site.label_entity_id 
_atom_site.label_seq_id 
_atom_site.pdbx_PDB_ins_code 
_atom_site.Cartn_x 
_atom_site.Cartn_y 
_atom_site.Cartn_z 
_atom_site.occupancy 
_atom_site.B_iso_or_equiv 
_atom_site.pdbx_formal_charge 
_atom_site.auth_seq_id 
_atom_site.auth_comp_id 
_atom_site.auth_asym_id 
_atom_site.auth_atom_id 
_atom_site.pdbx_PDB_model_num 
ATOM   1    N N    . GLY A 1 1  ? -2.939 -2.715  -9.258  1.00 0.00 ? 1  GLY A N    1 
ATOM   2    C CA   . GLY A 1 1  ? -1.488 -3.042  -9.154  1.00 0.00 ? 1  GLY A CA   1 
ATOM   3    C C    . GLY A 1 1  ? -1.204 -3.666  -7.792  1.00 0.00 ? 1  GLY A C    1 
ATOM   4    O O    . GLY A 1 1  ? -2.055 -3.651  -6.902  1.00 0.00 ? 1  GLY A O    1 
ATOM   5    H H1   . GLY A 1 1  ? -3.456 -3.176  -8.483  1.00 0.00 ? 1  GLY A H1   1 
ATOM   6    H H2   . GLY A 1 1  ? -3.306 -3.057  -10.171 1.00 0.00 ? 1  GLY A H2   1 
ATOM   7    H H3   . GLY A 1 1  ? -3.068 -1.687  -9.195  1.00 0.00 ? 1  GLY A H3   1 
ATOM   8    H HA2  . GLY A 1 1  ? -1.221 -3.741  -9.934  1.00 0.00 ? 1  GLY A HA2  1 
ATOM   9    H HA3  . GLY A 1 1  ? -0.907 -2.140  -9.261  1.00 0.00 ? 1  GLY A HA3  1 
ATOM   10   N N    . LEU A 1 2  ? -0.002 -4.213  -7.636  1.00 0.00 ? 2  LEU A N    1 
ATOM   11   C CA   . LEU A 1 2  ? 0.385  -4.839  -6.376  1.00 0.00 ? 2  LEU A CA   1 
ATOM   12   C C    . LEU A 1 2  ? 0.854  -3.791  -5.380  1.00 0.00 ? 2  LEU A C    1 
ATOM   13   O O    . LEU A 1 2  ? 0.391  -3.754  -4.241  1.00 0.00 ? 2  LEU A O    1 
ATOM   14   C CB   . LEU A 1 2  ? 1.502  -5.860  -6.626  1.00 0.00 ? 2  LEU A CB   1 
ATOM   15   C CG   . LEU A 1 2  ? 2.058  -6.377  -5.285  1.00 0.00 ? 2  LEU A CG   1 
ATOM   16   C CD1  . LEU A 1 2  ? 2.312  -7.884  -5.380  1.00 0.00 ? 2  LEU A CD1  1 
ATOM   17   C CD2  . LEU A 1 2  ? 3.380  -5.669  -4.958  1.00 0.00 ? 2  LEU A CD2  1 
ATOM   18   H H    . LEU A 1 2  ? 0.634  -4.195  -8.380  1.00 0.00 ? 2  LEU A H    1 
ATOM   19   H HA   . LEU A 1 2  ? -0.468 -5.351  -5.962  1.00 0.00 ? 2  LEU A HA   1 
ATOM   20   H HB2  . LEU A 1 2  ? 1.104  -6.688  -7.196  1.00 0.00 ? 2  LEU A HB2  1 
ATOM   21   H HB3  . LEU A 1 2  ? 2.296  -5.390  -7.188  1.00 0.00 ? 2  LEU A HB3  1 
ATOM   22   H HG   . LEU A 1 2  ? 1.343  -6.187  -4.497  1.00 0.00 ? 2  LEU A HG   1 
ATOM   23   H HD11 . LEU A 1 2  ? 2.840  -8.103  -6.296  1.00 0.00 ? 2  LEU A HD11 1 
ATOM   24   H HD12 . LEU A 1 2  ? 1.368  -8.409  -5.375  1.00 0.00 ? 2  LEU A HD12 1 
ATOM   25   H HD13 . LEU A 1 2  ? 2.906  -8.203  -4.536  1.00 0.00 ? 2  LEU A HD13 1 
ATOM   26   H HD21 . LEU A 1 2  ? 4.082  -5.828  -5.764  1.00 0.00 ? 2  LEU A HD21 1 
ATOM   27   H HD22 . LEU A 1 2  ? 3.786  -6.071  -4.043  1.00 0.00 ? 2  LEU A HD22 1 
ATOM   28   H HD23 . LEU A 1 2  ? 3.204  -4.611  -4.838  1.00 0.00 ? 2  LEU A HD23 1 
ATOM   29   N N    . PHE A 1 3  ? 1.776  -2.944  -5.811  1.00 0.00 ? 3  PHE A N    1 
ATOM   30   C CA   . PHE A 1 3  ? 2.294  -1.903  -4.936  1.00 0.00 ? 3  PHE A CA   1 
ATOM   31   C C    . PHE A 1 3  ? 1.150  -1.042  -4.415  1.00 0.00 ? 3  PHE A C    1 
ATOM   32   O O    . PHE A 1 3  ? 1.260  -0.422  -3.357  1.00 0.00 ? 3  PHE A O    1 
ATOM   33   C CB   . PHE A 1 3  ? 3.323  -1.041  -5.681  1.00 0.00 ? 3  PHE A CB   1 
ATOM   34   C CG   . PHE A 1 3  ? 4.701  -1.333  -5.135  1.00 0.00 ? 3  PHE A CG   1 
ATOM   35   C CD1  . PHE A 1 3  ? 5.147  -0.681  -3.980  1.00 0.00 ? 3  PHE A CD1  1 
ATOM   36   C CD2  . PHE A 1 3  ? 5.524  -2.266  -5.775  1.00 0.00 ? 3  PHE A CD2  1 
ATOM   37   C CE1  . PHE A 1 3  ? 6.417  -0.959  -3.465  1.00 0.00 ? 3  PHE A CE1  1 
ATOM   38   C CE2  . PHE A 1 3  ? 6.795  -2.547  -5.259  1.00 0.00 ? 3  PHE A CE2  1 
ATOM   39   C CZ   . PHE A 1 3  ? 7.242  -1.893  -4.104  1.00 0.00 ? 3  PHE A CZ   1 
ATOM   40   H H    . PHE A 1 3  ? 2.111  -3.020  -6.728  1.00 0.00 ? 3  PHE A H    1 
ATOM   41   H HA   . PHE A 1 3  ? 2.777  -2.375  -4.092  1.00 0.00 ? 3  PHE A HA   1 
ATOM   42   H HB2  . PHE A 1 3  ? 3.295  -1.276  -6.734  1.00 0.00 ? 3  PHE A HB2  1 
ATOM   43   H HB3  . PHE A 1 3  ? 3.096  0.007   -5.539  1.00 0.00 ? 3  PHE A HB3  1 
ATOM   44   H HD1  . PHE A 1 3  ? 4.510  0.040   -3.486  1.00 0.00 ? 3  PHE A HD1  1 
ATOM   45   H HD2  . PHE A 1 3  ? 5.180  -2.769  -6.665  1.00 0.00 ? 3  PHE A HD2  1 
ATOM   46   H HE1  . PHE A 1 3  ? 6.761  -0.456  -2.573  1.00 0.00 ? 3  PHE A HE1  1 
ATOM   47   H HE2  . PHE A 1 3  ? 7.429  -3.268  -5.752  1.00 0.00 ? 3  PHE A HE2  1 
ATOM   48   H HZ   . PHE A 1 3  ? 8.223  -2.109  -3.707  1.00 0.00 ? 3  PHE A HZ   1 
ATOM   49   N N    . ASP A 1 4  ? 0.044  -1.025  -5.152  1.00 0.00 ? 4  ASP A N    1 
ATOM   50   C CA   . ASP A 1 4  ? -1.116 -0.255  -4.730  1.00 0.00 ? 4  ASP A CA   1 
ATOM   51   C C    . ASP A 1 4  ? -1.539 -0.710  -3.342  1.00 0.00 ? 4  ASP A C    1 
ATOM   52   O O    . ASP A 1 4  ? -1.883 0.103   -2.484  1.00 0.00 ? 4  ASP A O    1 
ATOM   53   C CB   . ASP A 1 4  ? -2.269 -0.450  -5.716  1.00 0.00 ? 4  ASP A CB   1 
ATOM   54   C CG   . ASP A 1 4  ? -1.974 0.287   -7.018  1.00 0.00 ? 4  ASP A CG   1 
ATOM   55   O OD1  . ASP A 1 4  ? -0.811 0.374   -7.375  1.00 0.00 ? 4  ASP A OD1  1 
ATOM   56   O OD2  . ASP A 1 4  ? -2.915 0.755   -7.638  1.00 0.00 ? 4  ASP A OD2  1 
ATOM   57   H H    . ASP A 1 4  ? 0.003  -1.550  -5.978  1.00 0.00 ? 4  ASP A H    1 
ATOM   58   H HA   . ASP A 1 4  ? -0.852 0.792   -4.694  1.00 0.00 ? 4  ASP A HA   1 
ATOM   59   H HB2  . ASP A 1 4  ? -2.391 -1.504  -5.920  1.00 0.00 ? 4  ASP A HB2  1 
ATOM   60   H HB3  . ASP A 1 4  ? -3.180 -0.062  -5.284  1.00 0.00 ? 4  ASP A HB3  1 
ATOM   61   N N    . ILE A 1 5  ? -1.489 -2.020  -3.127  1.00 0.00 ? 5  ILE A N    1 
ATOM   62   C CA   . ILE A 1 5  ? -1.841 -2.595  -1.853  1.00 0.00 ? 5  ILE A CA   1 
ATOM   63   C C    . ILE A 1 5  ? -0.769 -2.253  -0.822  1.00 0.00 ? 5  ILE A C    1 
ATOM   64   O O    . ILE A 1 5  ? -1.046 -2.157  0.374   1.00 0.00 ? 5  ILE A O    1 
ATOM   65   C CB   . ILE A 1 5  ? -1.950 -4.107  -2.027  1.00 0.00 ? 5  ILE A CB   1 
ATOM   66   C CG1  . ILE A 1 5  ? -3.251 -4.441  -2.761  1.00 0.00 ? 5  ILE A CG1  1 
ATOM   67   C CG2  . ILE A 1 5  ? -1.944 -4.781  -0.665  1.00 0.00 ? 5  ILE A CG2  1 
ATOM   68   C CD1  . ILE A 1 5  ? -3.215 -3.851  -4.175  1.00 0.00 ? 5  ILE A CD1  1 
ATOM   69   H H    . ILE A 1 5  ? -1.196 -2.619  -3.841  1.00 0.00 ? 5  ILE A H    1 
ATOM   70   H HA   . ILE A 1 5  ? -2.792 -2.202  -1.529  1.00 0.00 ? 5  ILE A HA   1 
ATOM   71   H HB   . ILE A 1 5  ? -1.110 -4.463  -2.606  1.00 0.00 ? 5  ILE A HB   1 
ATOM   72   H HG12 . ILE A 1 5  ? -3.362 -5.512  -2.823  1.00 0.00 ? 5  ILE A HG12 1 
ATOM   73   H HG13 . ILE A 1 5  ? -4.085 -4.022  -2.221  1.00 0.00 ? 5  ILE A HG13 1 
ATOM   74   H HG21 . ILE A 1 5  ? -2.591 -4.237  0.004   1.00 0.00 ? 5  ILE A HG21 1 
ATOM   75   H HG22 . ILE A 1 5  ? -0.937 -4.783  -0.275  1.00 0.00 ? 5  ILE A HG22 1 
ATOM   76   H HG23 . ILE A 1 5  ? -2.296 -5.795  -0.767  1.00 0.00 ? 5  ILE A HG23 1 
ATOM   77   H HD11 . ILE A 1 5  ? -3.503 -2.811  -4.138  1.00 0.00 ? 5  ILE A HD11 1 
ATOM   78   H HD12 . ILE A 1 5  ? -3.904 -4.392  -4.807  1.00 0.00 ? 5  ILE A HD12 1 
ATOM   79   H HD13 . ILE A 1 5  ? -2.216 -3.934  -4.577  1.00 0.00 ? 5  ILE A HD13 1 
ATOM   80   N N    . VAL A 1 6  ? 0.457  -2.064  -1.302  1.00 0.00 ? 6  VAL A N    1 
ATOM   81   C CA   . VAL A 1 6  ? 1.573  -1.722  -0.428  1.00 0.00 ? 6  VAL A CA   1 
ATOM   82   C C    . VAL A 1 6  ? 1.489  -0.258  -0.015  1.00 0.00 ? 6  VAL A C    1 
ATOM   83   O O    . VAL A 1 6  ? 1.777  0.095   1.128   1.00 0.00 ? 6  VAL A O    1 
ATOM   84   C CB   . VAL A 1 6  ? 2.899  -1.970  -1.152  1.00 0.00 ? 6  VAL A CB   1 
ATOM   85   C CG1  . VAL A 1 6  ? 4.064  -1.698  -0.200  1.00 0.00 ? 6  VAL A CG1  1 
ATOM   86   C CG2  . VAL A 1 6  ? 2.960  -3.424  -1.628  1.00 0.00 ? 6  VAL A CG2  1 
ATOM   87   H H    . VAL A 1 6  ? 0.613  -2.149  -2.267  1.00 0.00 ? 6  VAL A H    1 
ATOM   88   H HA   . VAL A 1 6  ? 1.532  -2.341  0.454   1.00 0.00 ? 6  VAL A HA   1 
ATOM   89   H HB   . VAL A 1 6  ? 2.971  -1.310  -2.004  1.00 0.00 ? 6  VAL A HB   1 
ATOM   90   H HG11 . VAL A 1 6  ? 3.878  -2.183  0.746   1.00 0.00 ? 6  VAL A HG11 1 
ATOM   91   H HG12 . VAL A 1 6  ? 4.162  -0.634  -0.046  1.00 0.00 ? 6  VAL A HG12 1 
ATOM   92   H HG13 . VAL A 1 6  ? 4.977  -2.086  -0.629  1.00 0.00 ? 6  VAL A HG13 1 
ATOM   93   H HG21 . VAL A 1 6  ? 2.078  -3.651  -2.208  1.00 0.00 ? 6  VAL A HG21 1 
ATOM   94   H HG22 . VAL A 1 6  ? 3.006  -4.082  -0.771  1.00 0.00 ? 6  VAL A HG22 1 
ATOM   95   H HG23 . VAL A 1 6  ? 3.840  -3.567  -2.238  1.00 0.00 ? 6  VAL A HG23 1 
ATOM   96   N N    . LYS A 1 7  ? 1.088  0.586   -0.958  1.00 0.00 ? 7  LYS A N    1 
ATOM   97   C CA   . LYS A 1 7  ? 0.961  2.014   -0.691  1.00 0.00 ? 7  LYS A CA   1 
ATOM   98   C C    . LYS A 1 7  ? -0.230 2.281   0.220   1.00 0.00 ? 7  LYS A C    1 
ATOM   99   O O    . LYS A 1 7  ? -0.179 3.151   1.087   1.00 0.00 ? 7  LYS A O    1 
ATOM   100  C CB   . LYS A 1 7  ? 0.785  2.775   -2.008  1.00 0.00 ? 7  LYS A CB   1 
ATOM   101  C CG   . LYS A 1 7  ? 2.122  2.827   -2.751  1.00 0.00 ? 7  LYS A CG   1 
ATOM   102  C CD   . LYS A 1 7  ? 1.882  3.225   -4.208  1.00 0.00 ? 7  LYS A CD   1 
ATOM   103  C CE   . LYS A 1 7  ? 3.221  3.537   -4.880  1.00 0.00 ? 7  LYS A CE   1 
ATOM   104  N NZ   . LYS A 1 7  ? 3.696  4.879   -4.440  1.00 0.00 ? 7  LYS A NZ   1 
ATOM   105  H H    . LYS A 1 7  ? 0.871  0.243   -1.849  1.00 0.00 ? 7  LYS A H    1 
ATOM   106  H HA   . LYS A 1 7  ? 1.860  2.360   -0.204  1.00 0.00 ? 7  LYS A HA   1 
ATOM   107  H HB2  . LYS A 1 7  ? 0.051  2.269   -2.619  1.00 0.00 ? 7  LYS A HB2  1 
ATOM   108  H HB3  . LYS A 1 7  ? 0.451  3.780   -1.801  1.00 0.00 ? 7  LYS A HB3  1 
ATOM   109  H HG2  . LYS A 1 7  ? 2.768  3.554   -2.279  1.00 0.00 ? 7  LYS A HG2  1 
ATOM   110  H HG3  . LYS A 1 7  ? 2.591  1.854   -2.718  1.00 0.00 ? 7  LYS A HG3  1 
ATOM   111  H HD2  . LYS A 1 7  ? 1.399  2.411   -4.729  1.00 0.00 ? 7  LYS A HD2  1 
ATOM   112  H HD3  . LYS A 1 7  ? 1.252  4.099   -4.244  1.00 0.00 ? 7  LYS A HD3  1 
ATOM   113  H HE2  . LYS A 1 7  ? 3.948  2.787   -4.602  1.00 0.00 ? 7  LYS A HE2  1 
ATOM   114  H HE3  . LYS A 1 7  ? 3.094  3.533   -5.953  1.00 0.00 ? 7  LYS A HE3  1 
ATOM   115  H HZ1  . LYS A 1 7  ? 4.590  5.105   -4.920  1.00 0.00 ? 7  LYS A HZ1  1 
ATOM   116  H HZ2  . LYS A 1 7  ? 3.847  4.872   -3.411  1.00 0.00 ? 7  LYS A HZ2  1 
ATOM   117  H HZ3  . LYS A 1 7  ? 2.985  5.596   -4.683  1.00 0.00 ? 7  LYS A HZ3  1 
ATOM   118  N N    . LYS A 1 8  ? -1.301 1.520   0.021   1.00 0.00 ? 8  LYS A N    1 
ATOM   119  C CA   . LYS A 1 8  ? -2.497 1.681   0.838   1.00 0.00 ? 8  LYS A CA   1 
ATOM   120  C C    . LYS A 1 8  ? -2.219 1.230   2.267   1.00 0.00 ? 8  LYS A C    1 
ATOM   121  O O    . LYS A 1 8  ? -2.920 1.617   3.201   1.00 0.00 ? 8  LYS A O    1 
ATOM   122  C CB   . LYS A 1 8  ? -3.647 0.861   0.251   1.00 0.00 ? 8  LYS A CB   1 
ATOM   123  C CG   . LYS A 1 8  ? -4.958 1.246   0.946   1.00 0.00 ? 8  LYS A CG   1 
ATOM   124  C CD   . LYS A 1 8  ? -6.146 0.595   0.223   1.00 0.00 ? 8  LYS A CD   1 
ATOM   125  C CE   . LYS A 1 8  ? -6.356 -0.828  0.745   1.00 0.00 ? 8  LYS A CE   1 
ATOM   126  N NZ   . LYS A 1 8  ? -7.027 -0.776  2.075   1.00 0.00 ? 8  LYS A NZ   1 
ATOM   127  H H    . LYS A 1 8  ? -1.285 0.837   -0.682  1.00 0.00 ? 8  LYS A H    1 
ATOM   128  H HA   . LYS A 1 8  ? -2.778 2.723   0.847   1.00 0.00 ? 8  LYS A HA   1 
ATOM   129  H HB2  . LYS A 1 8  ? -3.726 1.062   -0.808  1.00 0.00 ? 8  LYS A HB2  1 
ATOM   130  H HB3  . LYS A 1 8  ? -3.454 -0.190  0.405   1.00 0.00 ? 8  LYS A HB3  1 
ATOM   131  H HG2  . LYS A 1 8  ? -4.931 0.908   1.973   1.00 0.00 ? 8  LYS A HG2  1 
ATOM   132  H HG3  . LYS A 1 8  ? -5.072 2.319   0.926   1.00 0.00 ? 8  LYS A HG3  1 
ATOM   133  H HD2  . LYS A 1 8  ? -7.037 1.178   0.405   1.00 0.00 ? 8  LYS A HD2  1 
ATOM   134  H HD3  . LYS A 1 8  ? -5.951 0.563   -0.838  1.00 0.00 ? 8  LYS A HD3  1 
ATOM   135  H HE2  . LYS A 1 8  ? -6.974 -1.378  0.051   1.00 0.00 ? 8  LYS A HE2  1 
ATOM   136  H HE3  . LYS A 1 8  ? -5.400 -1.323  0.843   1.00 0.00 ? 8  LYS A HE3  1 
ATOM   137  H HZ1  . LYS A 1 8  ? -7.045 0.206   2.415   1.00 0.00 ? 8  LYS A HZ1  1 
ATOM   138  H HZ2  . LYS A 1 8  ? -6.502 -1.368  2.751   1.00 0.00 ? 8  LYS A HZ2  1 
ATOM   139  H HZ3  . LYS A 1 8  ? -8.001 -1.128  1.986   1.00 0.00 ? 8  LYS A HZ3  1 
ATOM   140  N N    . LEU A 1 9  ? -1.184 0.410   2.428   1.00 0.00 ? 9  LEU A N    1 
ATOM   141  C CA   . LEU A 1 9  ? -0.804 -0.090  3.727   1.00 0.00 ? 9  LEU A CA   1 
ATOM   142  C C    . LEU A 1 9  ? 0.073  0.931   4.444   1.00 0.00 ? 9  LEU A C    1 
ATOM   143  O O    . LEU A 1 9  ? -0.263 1.397   5.533   1.00 0.00 ? 9  LEU A O    1 
ATOM   144  C CB   . LEU A 1 9  ? -0.049 -1.407  3.541   1.00 0.00 ? 9  LEU A CB   1 
ATOM   145  C CG   . LEU A 1 9  ? 0.517  -1.861  4.879   1.00 0.00 ? 9  LEU A CG   1 
ATOM   146  C CD1  . LEU A 1 9  ? -0.580 -2.532  5.711   1.00 0.00 ? 9  LEU A CD1  1 
ATOM   147  C CD2  . LEU A 1 9  ? 1.660  -2.852  4.645   1.00 0.00 ? 9  LEU A CD2  1 
ATOM   148  H H    . LEU A 1 9  ? -0.655 0.138   1.656   1.00 0.00 ? 9  LEU A H    1 
ATOM   149  H HA   . LEU A 1 9  ? -1.686 -0.271  4.317   1.00 0.00 ? 9  LEU A HA   1 
ATOM   150  H HB2  . LEU A 1 9  ? -0.723 -2.158  3.156   1.00 0.00 ? 9  LEU A HB2  1 
ATOM   151  H HB3  . LEU A 1 9  ? 0.761  -1.258  2.841   1.00 0.00 ? 9  LEU A HB3  1 
ATOM   152  H HG   . LEU A 1 9  ? 0.886  -1.001  5.400   1.00 0.00 ? 9  LEU A HG   1 
ATOM   153  H HD11 . LEU A 1 9  ? -1.064 -3.298  5.123   1.00 0.00 ? 9  LEU A HD11 1 
ATOM   154  H HD12 . LEU A 1 9  ? -1.308 -1.794  6.011   1.00 0.00 ? 9  LEU A HD12 1 
ATOM   155  H HD13 . LEU A 1 9  ? -0.140 -2.980  6.590   1.00 0.00 ? 9  LEU A HD13 1 
ATOM   156  H HD21 . LEU A 1 9  ? 1.354  -3.592  3.921   1.00 0.00 ? 9  LEU A HD21 1 
ATOM   157  H HD22 . LEU A 1 9  ? 1.909  -3.342  5.575   1.00 0.00 ? 9  LEU A HD22 1 
ATOM   158  H HD23 . LEU A 1 9  ? 2.526  -2.323  4.274   1.00 0.00 ? 9  LEU A HD23 1 
ATOM   159  N N    . VAL A 1 10 ? 1.198  1.275   3.826   1.00 0.00 ? 10 VAL A N    1 
ATOM   160  C CA   . VAL A 1 10 ? 2.111  2.244   4.421   1.00 0.00 ? 10 VAL A CA   1 
ATOM   161  C C    . VAL A 1 10 ? 1.350  3.468   4.870   1.00 0.00 ? 10 VAL A C    1 
ATOM   162  O O    . VAL A 1 10 ? 1.402  3.874   6.031   1.00 0.00 ? 10 VAL A O    1 
ATOM   163  C CB   . VAL A 1 10 ? 3.189  2.659   3.400   1.00 0.00 ? 10 VAL A CB   1 
ATOM   164  C CG1  . VAL A 1 10 ? 2.777  3.905   2.594   1.00 0.00 ? 10 VAL A CG1  1 
ATOM   165  C CG2  . VAL A 1 10 ? 4.490  2.966   4.141   1.00 0.00 ? 10 VAL A CG2  1 
ATOM   166  H H    . VAL A 1 10 ? 1.416  0.873   2.959   1.00 0.00 ? 10 VAL A H    1 
ATOM   167  H HA   . VAL A 1 10 ? 2.591  1.794   5.277   1.00 0.00 ? 10 VAL A HA   1 
ATOM   168  H HB   . VAL A 1 10 ? 3.342  1.850   2.718   1.00 0.00 ? 10 VAL A HB   1 
ATOM   169  H HG11 . VAL A 1 10 ? 3.542  4.126   1.865   1.00 0.00 ? 10 VAL A HG11 1 
ATOM   170  H HG12 . VAL A 1 10 ? 2.666  4.754   3.254   1.00 0.00 ? 10 VAL A HG12 1 
ATOM   171  H HG13 . VAL A 1 10 ? 1.846  3.717   2.082   1.00 0.00 ? 10 VAL A HG13 1 
ATOM   172  H HG21 . VAL A 1 10 ? 4.285  3.653   4.951   1.00 0.00 ? 10 VAL A HG21 1 
ATOM   173  H HG22 . VAL A 1 10 ? 5.195  3.416   3.459   1.00 0.00 ? 10 VAL A HG22 1 
ATOM   174  H HG23 . VAL A 1 10 ? 4.902  2.053   4.540   1.00 0.00 ? 10 VAL A HG23 1 
ATOM   175  N N    . SER A 1 11 ? 0.675  4.061   3.915   1.00 0.00 ? 11 SER A N    1 
ATOM   176  C CA   . SER A 1 11 ? -0.077 5.268   4.167   1.00 0.00 ? 11 SER A CA   1 
ATOM   177  C C    . SER A 1 11 ? -0.960 5.108   5.399   1.00 0.00 ? 11 SER A C    1 
ATOM   178  O O    . SER A 1 11 ? -1.175 6.059   6.150   1.00 0.00 ? 11 SER A O    1 
ATOM   179  C CB   . SER A 1 11 ? -0.938 5.620   2.954   1.00 0.00 ? 11 SER A CB   1 
ATOM   180  O OG   . SER A 1 11 ? -0.101 6.083   1.903   1.00 0.00 ? 11 SER A OG   1 
ATOM   181  H H    . SER A 1 11 ? 0.714  3.685   3.007   1.00 0.00 ? 11 SER A H    1 
ATOM   182  H HA   . SER A 1 11 ? 0.631  6.064   4.336   1.00 0.00 ? 11 SER A HA   1 
ATOM   183  H HB2  . SER A 1 11 ? -1.471 4.744   2.623   1.00 0.00 ? 11 SER A HB2  1 
ATOM   184  H HB3  . SER A 1 11 ? -1.648 6.388   3.228   1.00 0.00 ? 11 SER A HB3  1 
ATOM   185  H HG   . SER A 1 11 ? 0.770  6.250   2.269   1.00 0.00 ? 11 SER A HG   1 
ATOM   186  N N    . ASP A 1 12 ? -1.470 3.896   5.602   1.00 0.00 ? 12 ASP A N    1 
ATOM   187  C CA   . ASP A 1 12 ? -2.330 3.623   6.748   1.00 0.00 ? 12 ASP A CA   1 
ATOM   188  C C    . ASP A 1 12 ? -1.498 3.431   8.011   1.00 0.00 ? 12 ASP A C    1 
ATOM   189  O O    . ASP A 1 12 ? -1.662 4.157   8.991   1.00 0.00 ? 12 ASP A O    1 
ATOM   190  C CB   . ASP A 1 12 ? -3.165 2.367   6.488   1.00 0.00 ? 12 ASP A CB   1 
ATOM   191  C CG   . ASP A 1 12 ? -4.247 2.664   5.454   1.00 0.00 ? 12 ASP A CG   1 
ATOM   192  O OD1  . ASP A 1 12 ? -3.966 3.412   4.531   1.00 0.00 ? 12 ASP A OD1  1 
ATOM   193  O OD2  . ASP A 1 12 ? -5.338 2.140   5.600   1.00 0.00 ? 12 ASP A OD2  1 
ATOM   194  H H    . ASP A 1 12 ? -1.265 3.174   4.971   1.00 0.00 ? 12 ASP A H    1 
ATOM   195  H HA   . ASP A 1 12 ? -2.995 4.458   6.893   1.00 0.00 ? 12 ASP A HA   1 
ATOM   196  H HB2  . ASP A 1 12 ? -2.523 1.581   6.119   1.00 0.00 ? 12 ASP A HB2  1 
ATOM   197  H HB3  . ASP A 1 12 ? -3.630 2.049   7.408   1.00 0.00 ? 12 ASP A HB3  1 
ATOM   198  N N    . PHE A 1 13 ? -0.607 2.450   7.976   1.00 0.00 ? 13 PHE A N    1 
ATOM   199  C CA   . PHE A 1 13 ? 0.249  2.166   9.120   1.00 0.00 ? 13 PHE A CA   1 
ATOM   200  C C    . PHE A 1 13 ? 1.470  1.353   8.694   1.00 0.00 ? 13 PHE A C    1 
ATOM   201  O O    . PHE A 1 13 ? 2.319  1.021   9.520   1.00 0.00 ? 13 PHE A O    1 
ATOM   202  C CB   . PHE A 1 13 ? -0.542 1.411   10.188  1.00 0.00 ? 13 PHE A CB   1 
ATOM   203  C CG   . PHE A 1 13 ? -0.417 -0.065  9.950   1.00 0.00 ? 13 PHE A CG   1 
ATOM   204  C CD1  . PHE A 1 13 ? -1.321 -0.709  9.105   1.00 0.00 ? 13 PHE A CD1  1 
ATOM   205  C CD2  . PHE A 1 13 ? 0.606  -0.782  10.572  1.00 0.00 ? 13 PHE A CD2  1 
ATOM   206  C CE1  . PHE A 1 13 ? -1.204 -2.087  8.881   1.00 0.00 ? 13 PHE A CE1  1 
ATOM   207  C CE2  . PHE A 1 13 ? 0.727  -2.159  10.350  1.00 0.00 ? 13 PHE A CE2  1 
ATOM   208  C CZ   . PHE A 1 13 ? -0.180 -2.813  9.504   1.00 0.00 ? 13 PHE A CZ   1 
ATOM   209  H H    . PHE A 1 13 ? -0.526 1.907   7.167   1.00 0.00 ? 13 PHE A H    1 
ATOM   210  H HA   . PHE A 1 13 ? 0.585  3.090   9.542   1.00 0.00 ? 13 PHE A HA   1 
ATOM   211  H HB2  . PHE A 1 13 ? -0.153 1.652   11.167  1.00 0.00 ? 13 PHE A HB2  1 
ATOM   212  H HB3  . PHE A 1 13 ? -1.582 1.696   10.134  1.00 0.00 ? 13 PHE A HB3  1 
ATOM   213  H HD1  . PHE A 1 13 ? -2.106 -0.141  8.625   1.00 0.00 ? 13 PHE A HD1  1 
ATOM   214  H HD2  . PHE A 1 13 ? 1.306  -0.269  11.221  1.00 0.00 ? 13 PHE A HD2  1 
ATOM   215  H HE1  . PHE A 1 13 ? -1.903 -2.589  8.227   1.00 0.00 ? 13 PHE A HE1  1 
ATOM   216  H HE2  . PHE A 1 13 ? 1.516  -2.717  10.831  1.00 0.00 ? 13 PHE A HE2  1 
ATOM   217  H HZ   . PHE A 1 13 ? -0.089 -3.875  9.332   1.00 0.00 ? 13 PHE A HZ   1 
HETATM 218  N N    . NH2 A 1 14 ? 1.606  1.010   7.441   1.00 0.00 ? 14 NH2 A N    1 
HETATM 219  H HN1  . NH2 A 1 14 ? 0.929  1.275   6.785   1.00 0.00 ? 14 NH2 A HN1  1 
HETATM 220  H HN2  . NH2 A 1 14 ? 2.386  0.488   7.159   1.00 0.00 ? 14 NH2 A HN2  1 
ATOM   221  N N    . GLY A 1 1  ? -0.316 -4.073  -9.477  1.00 0.00 ? 1  GLY A N    2 
ATOM   222  C CA   . GLY A 1 1  ? 0.910  -4.570  -8.791  1.00 0.00 ? 1  GLY A CA   2 
ATOM   223  C C    . GLY A 1 1  ? 0.577  -4.926  -7.347  1.00 0.00 ? 1  GLY A C    2 
ATOM   224  O O    . GLY A 1 1  ? -0.431 -4.476  -6.803  1.00 0.00 ? 1  GLY A O    2 
ATOM   225  H H1   . GLY A 1 1  ? -0.134 -3.989  -10.497 1.00 0.00 ? 1  GLY A H1   2 
ATOM   226  H H2   . GLY A 1 1  ? -0.574 -3.140  -9.092  1.00 0.00 ? 1  GLY A H2   2 
ATOM   227  H H3   . GLY A 1 1  ? -1.096 -4.741  -9.321  1.00 0.00 ? 1  GLY A H3   2 
ATOM   228  H HA2  . GLY A 1 1  ? 1.279  -5.446  -9.304  1.00 0.00 ? 1  GLY A HA2  2 
ATOM   229  H HA3  . GLY A 1 1  ? 1.667  -3.800  -8.804  1.00 0.00 ? 1  GLY A HA3  2 
ATOM   230  N N    . LEU A 1 2  ? 1.432  -5.737  -6.731  1.00 0.00 ? 2  LEU A N    2 
ATOM   231  C CA   . LEU A 1 2  ? 1.218  -6.148  -5.348  1.00 0.00 ? 2  LEU A CA   2 
ATOM   232  C C    . LEU A 1 2  ? 1.661  -5.049  -4.392  1.00 0.00 ? 2  LEU A C    2 
ATOM   233  O O    . LEU A 1 2  ? 0.984  -4.763  -3.404  1.00 0.00 ? 2  LEU A O    2 
ATOM   234  C CB   . LEU A 1 2  ? 1.995  -7.441  -5.064  1.00 0.00 ? 2  LEU A CB   2 
ATOM   235  C CG   . LEU A 1 2  ? 2.046  -7.704  -3.549  1.00 0.00 ? 2  LEU A CG   2 
ATOM   236  C CD1  . LEU A 1 2  ? 2.264  -9.201  -3.303  1.00 0.00 ? 2  LEU A CD1  2 
ATOM   237  C CD2  . LEU A 1 2  ? 3.192  -6.904  -2.901  1.00 0.00 ? 2  LEU A CD2  2 
ATOM   238  H H    . LEU A 1 2  ? 2.219  -6.064  -7.215  1.00 0.00 ? 2  LEU A H    2 
ATOM   239  H HA   . LEU A 1 2  ? 0.167  -6.331  -5.196  1.00 0.00 ? 2  LEU A HA   2 
ATOM   240  H HB2  . LEU A 1 2  ? 1.499  -8.265  -5.555  1.00 0.00 ? 2  LEU A HB2  2 
ATOM   241  H HB3  . LEU A 1 2  ? 2.999  -7.349  -5.449  1.00 0.00 ? 2  LEU A HB3  2 
ATOM   242  H HG   . LEU A 1 2  ? 1.105  -7.408  -3.105  1.00 0.00 ? 2  LEU A HG   2 
ATOM   243  H HD11 . LEU A 1 2  ? 3.149  -9.526  -3.829  1.00 0.00 ? 2  LEU A HD11 2 
ATOM   244  H HD12 . LEU A 1 2  ? 1.409  -9.753  -3.660  1.00 0.00 ? 2  LEU A HD12 2 
ATOM   245  H HD13 . LEU A 1 2  ? 2.391  -9.376  -2.245  1.00 0.00 ? 2  LEU A HD13 2 
ATOM   246  H HD21 . LEU A 1 2  ? 3.846  -7.575  -2.361  1.00 0.00 ? 2  LEU A HD21 2 
ATOM   247  H HD22 . LEU A 1 2  ? 2.780  -6.181  -2.214  1.00 0.00 ? 2  LEU A HD22 2 
ATOM   248  H HD23 . LEU A 1 2  ? 3.760  -6.388  -3.661  1.00 0.00 ? 2  LEU A HD23 2 
ATOM   249  N N    . PHE A 1 3  ? 2.797  -4.433  -4.689  1.00 0.00 ? 3  PHE A N    2 
ATOM   250  C CA   . PHE A 1 3  ? 3.306  -3.366  -3.839  1.00 0.00 ? 3  PHE A CA   2 
ATOM   251  C C    . PHE A 1 3  ? 2.326  -2.198  -3.828  1.00 0.00 ? 3  PHE A C    2 
ATOM   252  O O    . PHE A 1 3  ? 2.305  -1.403  -2.888  1.00 0.00 ? 3  PHE A O    2 
ATOM   253  C CB   . PHE A 1 3  ? 4.686  -2.905  -4.333  1.00 0.00 ? 3  PHE A CB   2 
ATOM   254  C CG   . PHE A 1 3  ? 5.725  -3.237  -3.286  1.00 0.00 ? 3  PHE A CG   2 
ATOM   255  C CD1  . PHE A 1 3  ? 5.787  -2.490  -2.104  1.00 0.00 ? 3  PHE A CD1  2 
ATOM   256  C CD2  . PHE A 1 3  ? 6.616  -4.296  -3.493  1.00 0.00 ? 3  PHE A CD2  2 
ATOM   257  C CE1  . PHE A 1 3  ? 6.741  -2.801  -1.129  1.00 0.00 ? 3  PHE A CE1  2 
ATOM   258  C CE2  . PHE A 1 3  ? 7.569  -4.608  -2.517  1.00 0.00 ? 3  PHE A CE2  2 
ATOM   259  C CZ   . PHE A 1 3  ? 7.633  -3.860  -1.335  1.00 0.00 ? 3  PHE A CZ   2 
ATOM   260  H H    . PHE A 1 3  ? 3.296  -4.698  -5.489  1.00 0.00 ? 3  PHE A H    2 
ATOM   261  H HA   . PHE A 1 3  ? 3.400  -3.745  -2.832  1.00 0.00 ? 3  PHE A HA   2 
ATOM   262  H HB2  . PHE A 1 3  ? 4.927  -3.413  -5.254  1.00 0.00 ? 3  PHE A HB2  2 
ATOM   263  H HB3  . PHE A 1 3  ? 4.677  -1.838  -4.502  1.00 0.00 ? 3  PHE A HB3  2 
ATOM   264  H HD1  . PHE A 1 3  ? 5.100  -1.674  -1.945  1.00 0.00 ? 3  PHE A HD1  2 
ATOM   265  H HD2  . PHE A 1 3  ? 6.568  -4.872  -4.405  1.00 0.00 ? 3  PHE A HD2  2 
ATOM   266  H HE1  . PHE A 1 3  ? 6.788  -2.224  -0.216  1.00 0.00 ? 3  PHE A HE1  2 
ATOM   267  H HE2  . PHE A 1 3  ? 8.256  -5.426  -2.676  1.00 0.00 ? 3  PHE A HE2  2 
ATOM   268  H HZ   . PHE A 1 3  ? 8.369  -4.101  -0.582  1.00 0.00 ? 3  PHE A HZ   2 
ATOM   269  N N    . ASP A 1 4  ? 1.503  -2.111  -4.869  1.00 0.00 ? 4  ASP A N    2 
ATOM   270  C CA   . ASP A 1 4  ? 0.514  -1.047  -4.946  1.00 0.00 ? 4  ASP A CA   2 
ATOM   271  C C    . ASP A 1 4  ? -0.401 -1.118  -3.733  1.00 0.00 ? 4  ASP A C    2 
ATOM   272  O O    . ASP A 1 4  ? -0.787 -0.095  -3.167  1.00 0.00 ? 4  ASP A O    2 
ATOM   273  C CB   . ASP A 1 4  ? -0.311 -1.182  -6.228  1.00 0.00 ? 4  ASP A CB   2 
ATOM   274  C CG   . ASP A 1 4  ? 0.558  -0.877  -7.443  1.00 0.00 ? 4  ASP A CG   2 
ATOM   275  O OD1  . ASP A 1 4  ? 1.492  -1.625  -7.681  1.00 0.00 ? 4  ASP A OD1  2 
ATOM   276  O OD2  . ASP A 1 4  ? 0.277  0.099   -8.118  1.00 0.00 ? 4  ASP A OD2  2 
ATOM   277  H H    . ASP A 1 4  ? 1.553  -2.779  -5.583  1.00 0.00 ? 4  ASP A H    2 
ATOM   278  H HA   . ASP A 1 4  ? 1.020  -0.093  -4.951  1.00 0.00 ? 4  ASP A HA   2 
ATOM   279  H HB2  . ASP A 1 4  ? -0.692 -2.190  -6.303  1.00 0.00 ? 4  ASP A HB2  2 
ATOM   280  H HB3  . ASP A 1 4  ? -1.137 -0.488  -6.198  1.00 0.00 ? 4  ASP A HB3  2 
ATOM   281  N N    . ILE A 1 5  ? -0.733 -2.340  -3.333  1.00 0.00 ? 5  ILE A N    2 
ATOM   282  C CA   . ILE A 1 5  ? -1.582 -2.562  -2.189  1.00 0.00 ? 5  ILE A CA   2 
ATOM   283  C C    . ILE A 1 5  ? -0.830 -2.211  -0.906  1.00 0.00 ? 5  ILE A C    2 
ATOM   284  O O    . ILE A 1 5  ? -1.424 -1.752  0.070   1.00 0.00 ? 5  ILE A O    2 
ATOM   285  C CB   . ILE A 1 5  ? -1.995 -4.030  -2.180  1.00 0.00 ? 5  ILE A CB   2 
ATOM   286  C CG1  . ILE A 1 5  ? -3.057 -4.265  -3.257  1.00 0.00 ? 5  ILE A CG1  2 
ATOM   287  C CG2  . ILE A 1 5  ? -2.557 -4.398  -0.816  1.00 0.00 ? 5  ILE A CG2  2 
ATOM   288  C CD1  . ILE A 1 5  ? -2.470 -3.965  -4.639  1.00 0.00 ? 5  ILE A CD1  2 
ATOM   289  H H    . ILE A 1 5  ? -0.392 -3.120  -3.815  1.00 0.00 ? 5  ILE A H    2 
ATOM   290  H HA   . ILE A 1 5  ? -2.463 -1.944  -2.269  1.00 0.00 ? 5  ILE A HA   2 
ATOM   291  H HB   . ILE A 1 5  ? -1.131 -4.646  -2.389  1.00 0.00 ? 5  ILE A HB   2 
ATOM   292  H HG12 . ILE A 1 5  ? -3.384 -5.292  -3.220  1.00 0.00 ? 5  ILE A HG12 2 
ATOM   293  H HG13 . ILE A 1 5  ? -3.898 -3.612  -3.078  1.00 0.00 ? 5  ILE A HG13 2 
ATOM   294  H HG21 . ILE A 1 5  ? -3.089 -5.332  -0.891  1.00 0.00 ? 5  ILE A HG21 2 
ATOM   295  H HG22 . ILE A 1 5  ? -3.229 -3.620  -0.487  1.00 0.00 ? 5  ILE A HG22 2 
ATOM   296  H HG23 . ILE A 1 5  ? -1.744 -4.498  -0.113  1.00 0.00 ? 5  ILE A HG23 2 
ATOM   297  H HD11 . ILE A 1 5  ? -3.045 -4.482  -5.393  1.00 0.00 ? 5  ILE A HD11 2 
ATOM   298  H HD12 . ILE A 1 5  ? -1.444 -4.302  -4.677  1.00 0.00 ? 5  ILE A HD12 2 
ATOM   299  H HD13 . ILE A 1 5  ? -2.507 -2.903  -4.824  1.00 0.00 ? 5  ILE A HD13 2 
ATOM   300  N N    . VAL A 1 6  ? 0.482  -2.429  -0.923  1.00 0.00 ? 6  VAL A N    2 
ATOM   301  C CA   . VAL A 1 6  ? 1.315  -2.132  0.235   1.00 0.00 ? 6  VAL A CA   2 
ATOM   302  C C    . VAL A 1 6  ? 1.416  -0.626  0.441   1.00 0.00 ? 6  VAL A C    2 
ATOM   303  O O    . VAL A 1 6  ? 1.328  -0.134  1.567   1.00 0.00 ? 6  VAL A O    2 
ATOM   304  C CB   . VAL A 1 6  ? 2.715  -2.715  0.029   1.00 0.00 ? 6  VAL A CB   2 
ATOM   305  C CG1  . VAL A 1 6  ? 3.614  -2.323  1.204   1.00 0.00 ? 6  VAL A CG1  2 
ATOM   306  C CG2  . VAL A 1 6  ? 2.626  -4.240  -0.056  1.00 0.00 ? 6  VAL A CG2  2 
ATOM   307  H H    . VAL A 1 6  ? 0.897  -2.794  -1.732  1.00 0.00 ? 6  VAL A H    2 
ATOM   308  H HA   . VAL A 1 6  ? 0.875  -2.579  1.111   1.00 0.00 ? 6  VAL A HA   2 
ATOM   309  H HB   . VAL A 1 6  ? 3.134  -2.326  -0.887  1.00 0.00 ? 6  VAL A HB   2 
ATOM   310  H HG11 . VAL A 1 6  ? 3.845  -1.269  1.144   1.00 0.00 ? 6  VAL A HG11 2 
ATOM   311  H HG12 . VAL A 1 6  ? 4.528  -2.895  1.164   1.00 0.00 ? 6  VAL A HG12 2 
ATOM   312  H HG13 . VAL A 1 6  ? 3.101  -2.526  2.133   1.00 0.00 ? 6  VAL A HG13 2 
ATOM   313  H HG21 . VAL A 1 6  ? 3.593  -4.643  -0.315  1.00 0.00 ? 6  VAL A HG21 2 
ATOM   314  H HG22 . VAL A 1 6  ? 1.907  -4.516  -0.814  1.00 0.00 ? 6  VAL A HG22 2 
ATOM   315  H HG23 . VAL A 1 6  ? 2.314  -4.637  0.898   1.00 0.00 ? 6  VAL A HG23 2 
ATOM   316  N N    . LYS A 1 7  ? 1.598  0.100   -0.655  1.00 0.00 ? 7  LYS A N    2 
ATOM   317  C CA   . LYS A 1 7  ? 1.706  1.552   -0.591  1.00 0.00 ? 7  LYS A CA   2 
ATOM   318  C C    . LYS A 1 7  ? 0.362  2.163   -0.207  1.00 0.00 ? 7  LYS A C    2 
ATOM   319  O O    . LYS A 1 7  ? 0.307  3.196   0.461   1.00 0.00 ? 7  LYS A O    2 
ATOM   320  C CB   . LYS A 1 7  ? 2.165  2.104   -1.950  1.00 0.00 ? 7  LYS A CB   2 
ATOM   321  C CG   . LYS A 1 7  ? 3.685  2.304   -1.952  1.00 0.00 ? 7  LYS A CG   2 
ATOM   322  C CD   . LYS A 1 7  ? 4.385  0.949   -1.819  1.00 0.00 ? 7  LYS A CD   2 
ATOM   323  C CE   . LYS A 1 7  ? 5.900  1.163   -1.732  1.00 0.00 ? 7  LYS A CE   2 
ATOM   324  N NZ   . LYS A 1 7  ? 6.266  1.558   -0.342  1.00 0.00 ? 7  LYS A NZ   2 
ATOM   325  H H    . LYS A 1 7  ? 1.658  -0.351  -1.523  1.00 0.00 ? 7  LYS A H    2 
ATOM   326  H HA   . LYS A 1 7  ? 2.435  1.814   0.162   1.00 0.00 ? 7  LYS A HA   2 
ATOM   327  H HB2  . LYS A 1 7  ? 1.896  1.404   -2.728  1.00 0.00 ? 7  LYS A HB2  2 
ATOM   328  H HB3  . LYS A 1 7  ? 1.681  3.051   -2.139  1.00 0.00 ? 7  LYS A HB3  2 
ATOM   329  H HG2  . LYS A 1 7  ? 3.983  2.772   -2.879  1.00 0.00 ? 7  LYS A HG2  2 
ATOM   330  H HG3  . LYS A 1 7  ? 3.967  2.936   -1.124  1.00 0.00 ? 7  LYS A HG3  2 
ATOM   331  H HD2  . LYS A 1 7  ? 4.039  0.451   -0.925  1.00 0.00 ? 7  LYS A HD2  2 
ATOM   332  H HD3  . LYS A 1 7  ? 4.159  0.341   -2.681  1.00 0.00 ? 7  LYS A HD3  2 
ATOM   333  H HE2  . LYS A 1 7  ? 6.408  0.245   -1.989  1.00 0.00 ? 7  LYS A HE2  2 
ATOM   334  H HE3  . LYS A 1 7  ? 6.196  1.943   -2.418  1.00 0.00 ? 7  LYS A HE3  2 
ATOM   335  H HZ1  . LYS A 1 7  ? 6.612  0.726   0.176   1.00 0.00 ? 7  LYS A HZ1  2 
ATOM   336  H HZ2  . LYS A 1 7  ? 5.429  1.944   0.140   1.00 0.00 ? 7  LYS A HZ2  2 
ATOM   337  H HZ3  . LYS A 1 7  ? 7.012  2.281   -0.373  1.00 0.00 ? 7  LYS A HZ3  2 
ATOM   338  N N    . LYS A 1 8  ? -0.719 1.516   -0.626  1.00 0.00 ? 8  LYS A N    2 
ATOM   339  C CA   . LYS A 1 8  ? -2.056 2.005   -0.313  1.00 0.00 ? 8  LYS A CA   2 
ATOM   340  C C    . LYS A 1 8  ? -2.355 1.798   1.168   1.00 0.00 ? 8  LYS A C    2 
ATOM   341  O O    . LYS A 1 8  ? -3.223 2.460   1.736   1.00 0.00 ? 8  LYS A O    2 
ATOM   342  C CB   . LYS A 1 8  ? -3.099 1.265   -1.157  1.00 0.00 ? 8  LYS A CB   2 
ATOM   343  C CG   . LYS A 1 8  ? -3.049 1.769   -2.606  1.00 0.00 ? 8  LYS A CG   2 
ATOM   344  C CD   . LYS A 1 8  ? -3.969 2.988   -2.771  1.00 0.00 ? 8  LYS A CD   2 
ATOM   345  C CE   . LYS A 1 8  ? -5.439 2.568   -2.626  1.00 0.00 ? 8  LYS A CE   2 
ATOM   346  N NZ   . LYS A 1 8  ? -5.910 2.883   -1.247  1.00 0.00 ? 8  LYS A NZ   2 
ATOM   347  H H    . LYS A 1 8  ? -0.617 0.695   -1.152  1.00 0.00 ? 8  LYS A H    2 
ATOM   348  H HA   . LYS A 1 8  ? -2.107 3.060   -0.537  1.00 0.00 ? 8  LYS A HA   2 
ATOM   349  H HB2  . LYS A 1 8  ? -2.886 0.206   -1.137  1.00 0.00 ? 8  LYS A HB2  2 
ATOM   350  H HB3  . LYS A 1 8  ? -4.082 1.440   -0.747  1.00 0.00 ? 8  LYS A HB3  2 
ATOM   351  H HG2  . LYS A 1 8  ? -2.035 2.049   -2.855  1.00 0.00 ? 8  LYS A HG2  2 
ATOM   352  H HG3  . LYS A 1 8  ? -3.375 0.984   -3.271  1.00 0.00 ? 8  LYS A HG3  2 
ATOM   353  H HD2  . LYS A 1 8  ? -3.730 3.721   -2.015  1.00 0.00 ? 8  LYS A HD2  2 
ATOM   354  H HD3  . LYS A 1 8  ? -3.815 3.421   -3.749  1.00 0.00 ? 8  LYS A HD3  2 
ATOM   355  H HE2  . LYS A 1 8  ? -6.040 3.110   -3.342  1.00 0.00 ? 8  LYS A HE2  2 
ATOM   356  H HE3  . LYS A 1 8  ? -5.537 1.508   -2.807  1.00 0.00 ? 8  LYS A HE3  2 
ATOM   357  H HZ1  . LYS A 1 8  ? -6.887 3.237   -1.287  1.00 0.00 ? 8  LYS A HZ1  2 
ATOM   358  H HZ2  . LYS A 1 8  ? -5.293 3.608   -0.828  1.00 0.00 ? 8  LYS A HZ2  2 
ATOM   359  H HZ3  . LYS A 1 8  ? -5.880 2.022   -0.666  1.00 0.00 ? 8  LYS A HZ3  2 
ATOM   360  N N    . LEU A 1 9  ? -1.624 0.876   1.785   1.00 0.00 ? 9  LEU A N    2 
ATOM   361  C CA   . LEU A 1 9  ? -1.797 0.581   3.186   1.00 0.00 ? 9  LEU A CA   2 
ATOM   362  C C    . LEU A 1 9  ? -1.005 1.575   4.027   1.00 0.00 ? 9  LEU A C    2 
ATOM   363  O O    . LEU A 1 9  ? -1.568 2.288   4.858   1.00 0.00 ? 9  LEU A O    2 
ATOM   364  C CB   . LEU A 1 9  ? -1.312 -0.847  3.446   1.00 0.00 ? 9  LEU A CB   2 
ATOM   365  C CG   . LEU A 1 9  ? -1.322 -1.123  4.944   1.00 0.00 ? 9  LEU A CG   2 
ATOM   366  C CD1  . LEU A 1 9  ? -2.740 -1.480  5.400   1.00 0.00 ? 9  LEU A CD1  2 
ATOM   367  C CD2  . LEU A 1 9  ? -0.377 -2.285  5.261   1.00 0.00 ? 9  LEU A CD2  2 
ATOM   368  H H    . LEU A 1 9  ? -0.946 0.384   1.289   1.00 0.00 ? 9  LEU A H    2 
ATOM   369  H HA   . LEU A 1 9  ? -2.841 0.652   3.446   1.00 0.00 ? 9  LEU A HA   2 
ATOM   370  H HB2  . LEU A 1 9  ? -1.963 -1.546  2.942   1.00 0.00 ? 9  LEU A HB2  2 
ATOM   371  H HB3  . LEU A 1 9  ? -0.306 -0.956  3.069   1.00 0.00 ? 9  LEU A HB3  2 
ATOM   372  H HG   . LEU A 1 9  ? -0.993 -0.240  5.453   1.00 0.00 ? 9  LEU A HG   2 
ATOM   373  H HD11 . LEU A 1 9  ? -2.713 -1.810  6.428   1.00 0.00 ? 9  LEU A HD11 2 
ATOM   374  H HD12 . LEU A 1 9  ? -3.131 -2.271  4.779   1.00 0.00 ? 9  LEU A HD12 2 
ATOM   375  H HD13 . LEU A 1 9  ? -3.375 -0.610  5.319   1.00 0.00 ? 9  LEU A HD13 2 
ATOM   376  H HD21 . LEU A 1 9  ? -0.637 -3.138  4.652   1.00 0.00 ? 9  LEU A HD21 2 
ATOM   377  H HD22 . LEU A 1 9  ? -0.468 -2.547  6.305   1.00 0.00 ? 9  LEU A HD22 2 
ATOM   378  H HD23 . LEU A 1 9  ? 0.640  -1.989  5.052   1.00 0.00 ? 9  LEU A HD23 2 
ATOM   379  N N    . VAL A 1 10 ? 0.303  1.620   3.803   1.00 0.00 ? 10 VAL A N    2 
ATOM   380  C CA   . VAL A 1 10 ? 1.157  2.537   4.548   1.00 0.00 ? 10 VAL A CA   2 
ATOM   381  C C    . VAL A 1 10 ? 0.566  3.925   4.526   1.00 0.00 ? 10 VAL A C    2 
ATOM   382  O O    . VAL A 1 10 ? 0.343  4.552   5.562   1.00 0.00 ? 10 VAL A O    2 
ATOM   383  C CB   . VAL A 1 10 ? 2.566  2.573   3.924   1.00 0.00 ? 10 VAL A CB   2 
ATOM   384  C CG1  . VAL A 1 10 ? 2.696  3.670   2.850   1.00 0.00 ? 10 VAL A CG1  2 
ATOM   385  C CG2  . VAL A 1 10 ? 3.593  2.839   5.023   1.00 0.00 ? 10 VAL A CG2  2 
ATOM   386  H H    . VAL A 1 10 ? 0.698  1.030   3.127   1.00 0.00 ? 10 VAL A H    2 
ATOM   387  H HA   . VAL A 1 10 ? 1.231  2.199   5.570   1.00 0.00 ? 10 VAL A HA   2 
ATOM   388  H HB   . VAL A 1 10 ? 2.760  1.627   3.465   1.00 0.00 ? 10 VAL A HB   2 
ATOM   389  H HG11 . VAL A 1 10 ? 3.680  3.622   2.411   1.00 0.00 ? 10 VAL A HG11 2 
ATOM   390  H HG12 . VAL A 1 10 ? 2.559  4.644   3.299   1.00 0.00 ? 10 VAL A HG12 2 
ATOM   391  H HG13 . VAL A 1 10 ? 1.957  3.516   2.079   1.00 0.00 ? 10 VAL A HG13 2 
ATOM   392  H HG21 . VAL A 1 10 ? 4.574  2.931   4.583   1.00 0.00 ? 10 VAL A HG21 2 
ATOM   393  H HG22 . VAL A 1 10 ? 3.585  2.024   5.728   1.00 0.00 ? 10 VAL A HG22 2 
ATOM   394  H HG23 . VAL A 1 10 ? 3.340  3.759   5.532   1.00 0.00 ? 10 VAL A HG23 2 
ATOM   395  N N    . SER A 1 11 ? 0.358  4.398   3.321   1.00 0.00 ? 11 SER A N    2 
ATOM   396  C CA   . SER A 1 11 ? -0.164 5.730   3.114   1.00 0.00 ? 11 SER A CA   2 
ATOM   397  C C    . SER A 1 11 ? -1.425 5.960   3.941   1.00 0.00 ? 11 SER A C    2 
ATOM   398  O O    . SER A 1 11 ? -1.648 7.056   4.457   1.00 0.00 ? 11 SER A O    2 
ATOM   399  C CB   . SER A 1 11 ? -0.472 5.952   1.633   1.00 0.00 ? 11 SER A CB   2 
ATOM   400  O OG   . SER A 1 11 ? -0.633 7.343   1.390   1.00 0.00 ? 11 SER A OG   2 
ATOM   401  H H    . SER A 1 11 ? 0.597  3.838   2.549   1.00 0.00 ? 11 SER A H    2 
ATOM   402  H HA   . SER A 1 11 ? 0.597  6.429   3.420   1.00 0.00 ? 11 SER A HA   2 
ATOM   403  H HB2  . SER A 1 11 ? 0.343  5.579   1.034   1.00 0.00 ? 11 SER A HB2  2 
ATOM   404  H HB3  . SER A 1 11 ? -1.378 5.422   1.372   1.00 0.00 ? 11 SER A HB3  2 
ATOM   405  H HG   . SER A 1 11 ? -0.392 7.814   2.192   1.00 0.00 ? 11 SER A HG   2 
ATOM   406  N N    . ASP A 1 12 ? -2.250 4.924   4.061   1.00 0.00 ? 12 ASP A N    2 
ATOM   407  C CA   . ASP A 1 12 ? -3.487 5.034   4.826   1.00 0.00 ? 12 ASP A CA   2 
ATOM   408  C C    . ASP A 1 12 ? -3.190 5.154   6.317   1.00 0.00 ? 12 ASP A C    2 
ATOM   409  O O    . ASP A 1 12 ? -3.558 6.140   6.955   1.00 0.00 ? 12 ASP A O    2 
ATOM   410  C CB   . ASP A 1 12 ? -4.369 3.809   4.570   1.00 0.00 ? 12 ASP A CB   2 
ATOM   411  C CG   . ASP A 1 12 ? -4.927 3.858   3.151   1.00 0.00 ? 12 ASP A CG   2 
ATOM   412  O OD1  . ASP A 1 12 ? -4.517 4.731   2.405   1.00 0.00 ? 12 ASP A OD1  2 
ATOM   413  O OD2  . ASP A 1 12 ? -5.754 3.020   2.833   1.00 0.00 ? 12 ASP A OD2  2 
ATOM   414  H H    . ASP A 1 12 ? -2.024 4.075   3.626   1.00 0.00 ? 12 ASP A H    2 
ATOM   415  H HA   . ASP A 1 12 ? -4.017 5.915   4.506   1.00 0.00 ? 12 ASP A HA   2 
ATOM   416  H HB2  . ASP A 1 12 ? -3.783 2.912   4.695   1.00 0.00 ? 12 ASP A HB2  2 
ATOM   417  H HB3  . ASP A 1 12 ? -5.187 3.803   5.274   1.00 0.00 ? 12 ASP A HB3  2 
ATOM   418  N N    . PHE A 1 13 ? -2.518 4.148   6.862   1.00 0.00 ? 13 PHE A N    2 
ATOM   419  C CA   . PHE A 1 13 ? -2.170 4.149   8.275   1.00 0.00 ? 13 PHE A CA   2 
ATOM   420  C C    . PHE A 1 13 ? -0.977 3.237   8.539   1.00 0.00 ? 13 PHE A C    2 
ATOM   421  O O    . PHE A 1 13 ? -0.424 3.233   9.639   1.00 0.00 ? 13 PHE A O    2 
ATOM   422  C CB   . PHE A 1 13 ? -3.357 3.689   9.102   1.00 0.00 ? 13 PHE A CB   2 
ATOM   423  C CG   . PHE A 1 13 ? -3.871 2.400   8.539   1.00 0.00 ? 13 PHE A CG   2 
ATOM   424  C CD1  . PHE A 1 13 ? -3.208 1.207   8.829   1.00 0.00 ? 13 PHE A CD1  2 
ATOM   425  C CD2  . PHE A 1 13 ? -5.007 2.402   7.730   1.00 0.00 ? 13 PHE A CD2  2 
ATOM   426  C CE1  . PHE A 1 13 ? -3.687 0.000   8.306   1.00 0.00 ? 13 PHE A CE1  2 
ATOM   427  C CE2  . PHE A 1 13 ? -5.489 1.198   7.203   1.00 0.00 ? 13 PHE A CE2  2 
ATOM   428  C CZ   . PHE A 1 13 ? -4.829 -0.005  7.492   1.00 0.00 ? 13 PHE A CZ   2 
ATOM   429  H H    . PHE A 1 13 ? -2.253 3.393   6.304   1.00 0.00 ? 13 PHE A H    2 
ATOM   430  H HA   . PHE A 1 13 ? -1.919 5.143   8.570   1.00 0.00 ? 13 PHE A HA   2 
ATOM   431  H HB2  . PHE A 1 13 ? -3.047 3.541   10.124  1.00 0.00 ? 13 PHE A HB2  2 
ATOM   432  H HB3  . PHE A 1 13 ? -4.135 4.436   9.061   1.00 0.00 ? 13 PHE A HB3  2 
ATOM   433  H HD1  . PHE A 1 13 ? -2.325 1.221   9.455   1.00 0.00 ? 13 PHE A HD1  2 
ATOM   434  H HD2  . PHE A 1 13 ? -5.507 3.337   7.509   1.00 0.00 ? 13 PHE A HD2  2 
ATOM   435  H HE1  . PHE A 1 13 ? -3.177 -0.926  8.529   1.00 0.00 ? 13 PHE A HE1  2 
ATOM   436  H HE2  . PHE A 1 13 ? -6.369 1.196   6.577   1.00 0.00 ? 13 PHE A HE2  2 
ATOM   437  H HZ   . PHE A 1 13 ? -5.200 -0.935  7.088   1.00 0.00 ? 13 PHE A HZ   2 
HETATM 438  N N    . NH2 A 1 14 ? -0.543 2.456   7.587   1.00 0.00 ? 14 NH2 A N    2 
HETATM 439  H HN1  . NH2 A 1 14 ? -0.984 2.460   6.712   1.00 0.00 ? 14 NH2 A HN1  2 
HETATM 440  H HN2  . NH2 A 1 14 ? 0.222  1.866   7.748   1.00 0.00 ? 14 NH2 A HN2  2 
ATOM   441  N N    . GLY A 1 1  ? -0.942 -7.156  -7.240  1.00 0.00 ? 1  GLY A N    3 
ATOM   442  C CA   . GLY A 1 1  ? 0.347  -7.557  -6.609  1.00 0.00 ? 1  GLY A CA   3 
ATOM   443  C C    . GLY A 1 1  ? 0.267  -7.343  -5.101  1.00 0.00 ? 1  GLY A C    3 
ATOM   444  O O    . GLY A 1 1  ? -0.736 -6.846  -4.588  1.00 0.00 ? 1  GLY A O    3 
ATOM   445  H H1   . GLY A 1 1  ? -0.780 -6.360  -7.887  1.00 0.00 ? 1  GLY A H1   3 
ATOM   446  H H2   . GLY A 1 1  ? -1.616 -6.871  -6.499  1.00 0.00 ? 1  GLY A H2   3 
ATOM   447  H H3   . GLY A 1 1  ? -1.332 -7.959  -7.773  1.00 0.00 ? 1  GLY A H3   3 
ATOM   448  H HA2  . GLY A 1 1  ? 0.541  -8.599  -6.817  1.00 0.00 ? 1  GLY A HA2  3 
ATOM   449  H HA3  . GLY A 1 1  ? 1.148  -6.954  -7.011  1.00 0.00 ? 1  GLY A HA3  3 
ATOM   450  N N    . LEU A 1 2  ? 1.329  -7.722  -4.398  1.00 0.00 ? 2  LEU A N    3 
ATOM   451  C CA   . LEU A 1 2  ? 1.371  -7.568  -2.948  1.00 0.00 ? 2  LEU A CA   3 
ATOM   452  C C    . LEU A 1 2  ? 1.739  -6.140  -2.574  1.00 0.00 ? 2  LEU A C    3 
ATOM   453  O O    . LEU A 1 2  ? 1.072  -5.513  -1.751  1.00 0.00 ? 2  LEU A O    3 
ATOM   454  C CB   . LEU A 1 2  ? 2.392  -8.546  -2.351  1.00 0.00 ? 2  LEU A CB   3 
ATOM   455  C CG   . LEU A 1 2  ? 2.618  -8.233  -0.861  1.00 0.00 ? 2  LEU A CG   3 
ATOM   456  C CD1  . LEU A 1 2  ? 3.151  -9.484  -0.157  1.00 0.00 ? 2  LEU A CD1  3 
ATOM   457  C CD2  . LEU A 1 2  ? 3.631  -7.082  -0.699  1.00 0.00 ? 2  LEU A CD2  3 
ATOM   458  H H    . LEU A 1 2  ? 2.099  -8.112  -4.863  1.00 0.00 ? 2  LEU A H    3 
ATOM   459  H HA   . LEU A 1 2  ? 0.397  -7.789  -2.542  1.00 0.00 ? 2  LEU A HA   3 
ATOM   460  H HB2  . LEU A 1 2  ? 2.016  -9.554  -2.452  1.00 0.00 ? 2  LEU A HB2  3 
ATOM   461  H HB3  . LEU A 1 2  ? 3.326  -8.459  -2.884  1.00 0.00 ? 2  LEU A HB3  3 
ATOM   462  H HG   . LEU A 1 2  ? 1.676  -7.948  -0.412  1.00 0.00 ? 2  LEU A HG   3 
ATOM   463  H HD11 . LEU A 1 2  ? 3.544  -9.211  0.812   1.00 0.00 ? 2  LEU A HD11 3 
ATOM   464  H HD12 . LEU A 1 2  ? 3.936  -9.926  -0.752  1.00 0.00 ? 2  LEU A HD12 3 
ATOM   465  H HD13 . LEU A 1 2  ? 2.349  -10.197 -0.032  1.00 0.00 ? 2  LEU A HD13 3 
ATOM   466  H HD21 . LEU A 1 2  ? 4.133  -6.896  -1.637  1.00 0.00 ? 2  LEU A HD21 3 
ATOM   467  H HD22 . LEU A 1 2  ? 4.364  -7.347  0.050   1.00 0.00 ? 2  LEU A HD22 3 
ATOM   468  H HD23 . LEU A 1 2  ? 3.111  -6.190  -0.388  1.00 0.00 ? 2  LEU A HD23 3 
ATOM   469  N N    . PHE A 1 3  ? 2.800  -5.629  -3.181  1.00 0.00 ? 3  PHE A N    3 
ATOM   470  C CA   . PHE A 1 3  ? 3.237  -4.271  -2.894  1.00 0.00 ? 3  PHE A CA   3 
ATOM   471  C C    . PHE A 1 3  ? 2.101  -3.289  -3.157  1.00 0.00 ? 3  PHE A C    3 
ATOM   472  O O    . PHE A 1 3  ? 2.055  -2.206  -2.573  1.00 0.00 ? 3  PHE A O    3 
ATOM   473  C CB   . PHE A 1 3  ? 4.463  -3.914  -3.748  1.00 0.00 ? 3  PHE A CB   3 
ATOM   474  C CG   . PHE A 1 3  ? 5.657  -3.707  -2.845  1.00 0.00 ? 3  PHE A CG   3 
ATOM   475  C CD1  . PHE A 1 3  ? 5.739  -2.558  -2.051  1.00 0.00 ? 3  PHE A CD1  3 
ATOM   476  C CD2  . PHE A 1 3  ? 6.672  -4.669  -2.792  1.00 0.00 ? 3  PHE A CD2  3 
ATOM   477  C CE1  . PHE A 1 3  ? 6.837  -2.367  -1.206  1.00 0.00 ? 3  PHE A CE1  3 
ATOM   478  C CE2  . PHE A 1 3  ? 7.771  -4.481  -1.945  1.00 0.00 ? 3  PHE A CE2  3 
ATOM   479  C CZ   . PHE A 1 3  ? 7.853  -3.329  -1.151  1.00 0.00 ? 3  PHE A CZ   3 
ATOM   480  H H    . PHE A 1 3  ? 3.294  -6.174  -3.827  1.00 0.00 ? 3  PHE A H    3 
ATOM   481  H HA   . PHE A 1 3  ? 3.507  -4.210  -1.849  1.00 0.00 ? 3  PHE A HA   3 
ATOM   482  H HB2  . PHE A 1 3  ? 4.668  -4.721  -4.437  1.00 0.00 ? 3  PHE A HB2  3 
ATOM   483  H HB3  . PHE A 1 3  ? 4.272  -3.007  -4.303  1.00 0.00 ? 3  PHE A HB3  3 
ATOM   484  H HD1  . PHE A 1 3  ? 4.955  -1.815  -2.092  1.00 0.00 ? 3  PHE A HD1  3 
ATOM   485  H HD2  . PHE A 1 3  ? 6.609  -5.555  -3.404  1.00 0.00 ? 3  PHE A HD2  3 
ATOM   486  H HE1  . PHE A 1 3  ? 6.900  -1.480  -0.592  1.00 0.00 ? 3  PHE A HE1  3 
ATOM   487  H HE2  . PHE A 1 3  ? 8.553  -5.223  -1.902  1.00 0.00 ? 3  PHE A HE2  3 
ATOM   488  H HZ   . PHE A 1 3  ? 8.701  -3.184  -0.498  1.00 0.00 ? 3  PHE A HZ   3 
ATOM   489  N N    . ASP A 1 4  ? 1.175  -3.682  -4.026  1.00 0.00 ? 4  ASP A N    3 
ATOM   490  C CA   . ASP A 1 4  ? 0.036  -2.831  -4.336  1.00 0.00 ? 4  ASP A CA   3 
ATOM   491  C C    . ASP A 1 4  ? -0.715 -2.498  -3.054  1.00 0.00 ? 4  ASP A C    3 
ATOM   492  O O    . ASP A 1 4  ? -1.167 -1.370  -2.859  1.00 0.00 ? 4  ASP A O    3 
ATOM   493  C CB   . ASP A 1 4  ? -0.900 -3.541  -5.316  1.00 0.00 ? 4  ASP A CB   3 
ATOM   494  C CG   . ASP A 1 4  ? -0.198 -3.745  -6.653  1.00 0.00 ? 4  ASP A CG   3 
ATOM   495  O OD1  . ASP A 1 4  ? 0.804  -4.440  -6.674  1.00 0.00 ? 4  ASP A OD1  3 
ATOM   496  O OD2  . ASP A 1 4  ? -0.673 -3.203  -7.637  1.00 0.00 ? 4  ASP A OD2  3 
ATOM   497  H H    . ASP A 1 4  ? 1.253  -4.561  -4.452  1.00 0.00 ? 4  ASP A H    3 
ATOM   498  H HA   . ASP A 1 4  ? 0.390  -1.916  -4.785  1.00 0.00 ? 4  ASP A HA   3 
ATOM   499  H HB2  . ASP A 1 4  ? -1.182 -4.501  -4.908  1.00 0.00 ? 4  ASP A HB2  3 
ATOM   500  H HB3  . ASP A 1 4  ? -1.786 -2.940  -5.464  1.00 0.00 ? 4  ASP A HB3  3 
ATOM   501  N N    . ILE A 1 5  ? -0.830 -3.491  -2.179  1.00 0.00 ? 5  ILE A N    3 
ATOM   502  C CA   . ILE A 1 5  ? -1.505 -3.315  -0.918  1.00 0.00 ? 5  ILE A CA   3 
ATOM   503  C C    . ILE A 1 5  ? -0.664 -2.437  0.006   1.00 0.00 ? 5  ILE A C    3 
ATOM   504  O O    . ILE A 1 5  ? -1.196 -1.668  0.806   1.00 0.00 ? 5  ILE A O    3 
ATOM   505  C CB   . ILE A 1 5  ? -1.719 -4.693  -0.297  1.00 0.00 ? 5  ILE A CB   3 
ATOM   506  C CG1  . ILE A 1 5  ? -2.845 -5.417  -1.038  1.00 0.00 ? 5  ILE A CG1  3 
ATOM   507  C CG2  . ILE A 1 5  ? -2.088 -4.542  1.170   1.00 0.00 ? 5  ILE A CG2  3 
ATOM   508  C CD1  . ILE A 1 5  ? -2.438 -5.656  -2.495  1.00 0.00 ? 5  ILE A CD1  3 
ATOM   509  H H    . ILE A 1 5  ? -0.446 -4.365  -2.383  1.00 0.00 ? 5  ILE A H    3 
ATOM   510  H HA   . ILE A 1 5  ? -2.464 -2.848  -1.083  1.00 0.00 ? 5  ILE A HA   3 
ATOM   511  H HB   . ILE A 1 5  ? -0.807 -5.269  -0.379  1.00 0.00 ? 5  ILE A HB   3 
ATOM   512  H HG12 . ILE A 1 5  ? -3.039 -6.364  -0.560  1.00 0.00 ? 5  ILE A HG12 3 
ATOM   513  H HG13 . ILE A 1 5  ? -3.738 -4.811  -1.013  1.00 0.00 ? 5  ILE A HG13 3 
ATOM   514  H HG21 . ILE A 1 5  ? -2.823 -3.759  1.273   1.00 0.00 ? 5  ILE A HG21 3 
ATOM   515  H HG22 . ILE A 1 5  ? -1.203 -4.287  1.733   1.00 0.00 ? 5  ILE A HG22 3 
ATOM   516  H HG23 . ILE A 1 5  ? -2.494 -5.472  1.532   1.00 0.00 ? 5  ILE A HG23 3 
ATOM   517  H HD11 . ILE A 1 5  ? -2.635 -4.766  -3.075  1.00 0.00 ? 5  ILE A HD11 3 
ATOM   518  H HD12 . ILE A 1 5  ? -3.008 -6.480  -2.897  1.00 0.00 ? 5  ILE A HD12 3 
ATOM   519  H HD13 . ILE A 1 5  ? -1.384 -5.890  -2.543  1.00 0.00 ? 5  ILE A HD13 3 
ATOM   520  N N    . VAL A 1 6  ? 0.655  -2.559  -0.118  1.00 0.00 ? 6  VAL A N    3 
ATOM   521  C CA   . VAL A 1 6  ? 1.570  -1.772  0.700   1.00 0.00 ? 6  VAL A CA   3 
ATOM   522  C C    . VAL A 1 6  ? 1.482  -0.297  0.325   1.00 0.00 ? 6  VAL A C    3 
ATOM   523  O O    . VAL A 1 6  ? 1.525  0.579   1.190   1.00 0.00 ? 6  VAL A O    3 
ATOM   524  C CB   . VAL A 1 6  ? 3.004  -2.268  0.499   1.00 0.00 ? 6  VAL A CB   3 
ATOM   525  C CG1  . VAL A 1 6  ? 3.972  -1.371  1.270   1.00 0.00 ? 6  VAL A CG1  3 
ATOM   526  C CG2  . VAL A 1 6  ? 3.123  -3.706  1.010   1.00 0.00 ? 6  VAL A CG2  3 
ATOM   527  H H    . VAL A 1 6  ? 1.021  -3.186  -0.776  1.00 0.00 ? 6  VAL A H    3 
ATOM   528  H HA   . VAL A 1 6  ? 1.302  -1.888  1.738   1.00 0.00 ? 6  VAL A HA   3 
ATOM   529  H HB   . VAL A 1 6  ? 3.249  -2.238  -0.553  1.00 0.00 ? 6  VAL A HB   3 
ATOM   530  H HG11 . VAL A 1 6  ? 4.059  -0.418  0.767   1.00 0.00 ? 6  VAL A HG11 3 
ATOM   531  H HG12 . VAL A 1 6  ? 4.943  -1.843  1.314   1.00 0.00 ? 6  VAL A HG12 3 
ATOM   532  H HG13 . VAL A 1 6  ? 3.601  -1.217  2.272   1.00 0.00 ? 6  VAL A HG13 3 
ATOM   533  H HG21 . VAL A 1 6  ? 3.149  -3.704  2.089   1.00 0.00 ? 6  VAL A HG21 3 
ATOM   534  H HG22 . VAL A 1 6  ? 4.032  -4.149  0.629   1.00 0.00 ? 6  VAL A HG22 3 
ATOM   535  H HG23 . VAL A 1 6  ? 2.275  -4.281  0.671   1.00 0.00 ? 6  VAL A HG23 3 
ATOM   536  N N    . LYS A 1 7  ? 1.355  -0.033  -0.969  1.00 0.00 ? 7  LYS A N    3 
ATOM   537  C CA   . LYS A 1 7  ? 1.256  1.339   -1.454  1.00 0.00 ? 7  LYS A CA   3 
ATOM   538  C C    . LYS A 1 7  ? -0.085 1.943   -1.051  1.00 0.00 ? 7  LYS A C    3 
ATOM   539  O O    . LYS A 1 7  ? -0.158 3.102   -0.645  1.00 0.00 ? 7  LYS A O    3 
ATOM   540  C CB   . LYS A 1 7  ? 1.404  1.363   -2.984  1.00 0.00 ? 7  LYS A CB   3 
ATOM   541  C CG   . LYS A 1 7  ? 2.859  1.660   -3.365  1.00 0.00 ? 7  LYS A CG   3 
ATOM   542  C CD   . LYS A 1 7  ? 3.771  0.551   -2.834  1.00 0.00 ? 7  LYS A CD   3 
ATOM   543  C CE   . LYS A 1 7  ? 5.206  0.801   -3.302  1.00 0.00 ? 7  LYS A CE   3 
ATOM   544  N NZ   . LYS A 1 7  ? 5.518  2.254   -3.195  1.00 0.00 ? 7  LYS A NZ   3 
ATOM   545  H H    . LYS A 1 7  ? 1.324  -0.774  -1.610  1.00 0.00 ? 7  LYS A H    3 
ATOM   546  H HA   . LYS A 1 7  ? 2.047  1.925   -1.011  1.00 0.00 ? 7  LYS A HA   3 
ATOM   547  H HB2  . LYS A 1 7  ? 1.118  0.401   -3.386  1.00 0.00 ? 7  LYS A HB2  3 
ATOM   548  H HB3  . LYS A 1 7  ? 0.765  2.128   -3.398  1.00 0.00 ? 7  LYS A HB3  3 
ATOM   549  H HG2  . LYS A 1 7  ? 2.945  1.710   -4.441  1.00 0.00 ? 7  LYS A HG2  3 
ATOM   550  H HG3  . LYS A 1 7  ? 3.158  2.605   -2.936  1.00 0.00 ? 7  LYS A HG3  3 
ATOM   551  H HD2  . LYS A 1 7  ? 3.739  0.544   -1.753  1.00 0.00 ? 7  LYS A HD2  3 
ATOM   552  H HD3  . LYS A 1 7  ? 3.433  -0.403  -3.209  1.00 0.00 ? 7  LYS A HD3  3 
ATOM   553  H HE2  . LYS A 1 7  ? 5.890  0.240   -2.682  1.00 0.00 ? 7  LYS A HE2  3 
ATOM   554  H HE3  . LYS A 1 7  ? 5.309  0.485   -4.329  1.00 0.00 ? 7  LYS A HE3  3 
ATOM   555  H HZ1  . LYS A 1 7  ? 4.790  2.804   -3.694  1.00 0.00 ? 7  LYS A HZ1  3 
ATOM   556  H HZ2  . LYS A 1 7  ? 6.448  2.441   -3.623  1.00 0.00 ? 7  LYS A HZ2  3 
ATOM   557  H HZ3  . LYS A 1 7  ? 5.534  2.533   -2.194  1.00 0.00 ? 7  LYS A HZ3  3 
ATOM   558  N N    . LYS A 1 8  ? -1.144 1.148   -1.156  1.00 0.00 ? 8  LYS A N    3 
ATOM   559  C CA   . LYS A 1 8  ? -2.474 1.616   -0.790  1.00 0.00 ? 8  LYS A CA   3 
ATOM   560  C C    . LYS A 1 8  ? -2.538 1.886   0.710   1.00 0.00 ? 8  LYS A C    3 
ATOM   561  O O    . LYS A 1 8  ? -3.392 2.635   1.183   1.00 0.00 ? 8  LYS A O    3 
ATOM   562  C CB   . LYS A 1 8  ? -3.522 0.567   -1.168  1.00 0.00 ? 8  LYS A CB   3 
ATOM   563  C CG   . LYS A 1 8  ? -4.919 1.189   -1.092  1.00 0.00 ? 8  LYS A CG   3 
ATOM   564  C CD   . LYS A 1 8  ? -5.984 0.111   -1.335  1.00 0.00 ? 8  LYS A CD   3 
ATOM   565  C CE   . LYS A 1 8  ? -6.173 -0.101  -2.840  1.00 0.00 ? 8  LYS A CE   3 
ATOM   566  N NZ   . LYS A 1 8  ? -6.580 1.183   -3.477  1.00 0.00 ? 8  LYS A NZ   3 
ATOM   567  H H    . LYS A 1 8  ? -1.027 0.230   -1.480  1.00 0.00 ? 8  LYS A H    3 
ATOM   568  H HA   . LYS A 1 8  ? -2.686 2.531   -1.323  1.00 0.00 ? 8  LYS A HA   3 
ATOM   569  H HB2  . LYS A 1 8  ? -3.334 0.219   -2.173  1.00 0.00 ? 8  LYS A HB2  3 
ATOM   570  H HB3  . LYS A 1 8  ? -3.461 -0.264  -0.482  1.00 0.00 ? 8  LYS A HB3  3 
ATOM   571  H HG2  . LYS A 1 8  ? -5.065 1.623   -0.113  1.00 0.00 ? 8  LYS A HG2  3 
ATOM   572  H HG3  . LYS A 1 8  ? -5.011 1.960   -1.843  1.00 0.00 ? 8  LYS A HG3  3 
ATOM   573  H HD2  . LYS A 1 8  ? -5.670 -0.816  -0.877  1.00 0.00 ? 8  LYS A HD2  3 
ATOM   574  H HD3  . LYS A 1 8  ? -6.919 0.428   -0.900  1.00 0.00 ? 8  LYS A HD3  3 
ATOM   575  H HE2  . LYS A 1 8  ? -5.246 -0.441  -3.276  1.00 0.00 ? 8  LYS A HE2  3 
ATOM   576  H HE3  . LYS A 1 8  ? -6.941 -0.843  -3.004  1.00 0.00 ? 8  LYS A HE3  3 
ATOM   577  H HZ1  . LYS A 1 8  ? -7.281 0.994   -4.221  1.00 0.00 ? 8  LYS A HZ1  3 
ATOM   578  H HZ2  . LYS A 1 8  ? -5.745 1.643   -3.894  1.00 0.00 ? 8  LYS A HZ2  3 
ATOM   579  H HZ3  . LYS A 1 8  ? -6.999 1.809   -2.760  1.00 0.00 ? 8  LYS A HZ3  3 
ATOM   580  N N    . LEU A 1 9  ? -1.622 1.268   1.450   1.00 0.00 ? 9  LEU A N    3 
ATOM   581  C CA   . LEU A 1 9  ? -1.561 1.431   2.880   1.00 0.00 ? 9  LEU A CA   3 
ATOM   582  C C    . LEU A 1 9  ? -0.792 2.701   3.233   1.00 0.00 ? 9  LEU A C    3 
ATOM   583  O O    . LEU A 1 9  ? -1.326 3.605   3.873   1.00 0.00 ? 9  LEU A O    3 
ATOM   584  C CB   . LEU A 1 9  ? -0.863 0.205   3.476   1.00 0.00 ? 9  LEU A CB   3 
ATOM   585  C CG   . LEU A 1 9  ? -0.551 0.460   4.949   1.00 0.00 ? 9  LEU A CG   3 
ATOM   586  C CD1  . LEU A 1 9  ? -1.111 -0.677  5.810   1.00 0.00 ? 9  LEU A CD1  3 
ATOM   587  C CD2  . LEU A 1 9  ? 0.965  0.553   5.155   1.00 0.00 ? 9  LEU A CD2  3 
ATOM   588  H H    . LEU A 1 9  ? -0.969 0.688   1.027   1.00 0.00 ? 9  LEU A H    3 
ATOM   589  H HA   . LEU A 1 9  ? -2.562 1.499   3.279   1.00 0.00 ? 9  LEU A HA   3 
ATOM   590  H HB2  . LEU A 1 9  ? -1.510 -0.655  3.381   1.00 0.00 ? 9  LEU A HB2  3 
ATOM   591  H HB3  . LEU A 1 9  ? 0.057  0.022   2.938   1.00 0.00 ? 9  LEU A HB3  3 
ATOM   592  H HG   . LEU A 1 9  ? -1.009 1.386   5.236   1.00 0.00 ? 9  LEU A HG   3 
ATOM   593  H HD11 . LEU A 1 9  ? -0.810 -1.627  5.392   1.00 0.00 ? 9  LEU A HD11 3 
ATOM   594  H HD12 . LEU A 1 9  ? -2.189 -0.617  5.828   1.00 0.00 ? 9  LEU A HD12 3 
ATOM   595  H HD13 . LEU A 1 9  ? -0.728 -0.588  6.816   1.00 0.00 ? 9  LEU A HD13 3 
ATOM   596  H HD21 . LEU A 1 9  ? 1.409  -0.420  5.009   1.00 0.00 ? 9  LEU A HD21 3 
ATOM   597  H HD22 . LEU A 1 9  ? 1.170  0.895   6.159   1.00 0.00 ? 9  LEU A HD22 3 
ATOM   598  H HD23 . LEU A 1 9  ? 1.382  1.251   4.444   1.00 0.00 ? 9  LEU A HD23 3 
ATOM   599  N N    . VAL A 1 10 ? 0.465  2.763   2.811   1.00 0.00 ? 10 VAL A N    3 
ATOM   600  C CA   . VAL A 1 10 ? 1.290  3.931   3.092   1.00 0.00 ? 10 VAL A CA   3 
ATOM   601  C C    . VAL A 1 10 ? 0.540  5.191   2.737   1.00 0.00 ? 10 VAL A C    3 
ATOM   602  O O    . VAL A 1 10 ? 0.379  6.101   3.551   1.00 0.00 ? 10 VAL A O    3 
ATOM   603  C CB   . VAL A 1 10 ? 2.596  3.869   2.274   1.00 0.00 ? 10 VAL A CB   3 
ATOM   604  C CG1  . VAL A 1 10 ? 2.467  4.596   0.921   1.00 0.00 ? 10 VAL A CG1  3 
ATOM   605  C CG2  . VAL A 1 10 ? 3.721  4.523   3.074   1.00 0.00 ? 10 VAL A CG2  3 
ATOM   606  H H    . VAL A 1 10 ? 0.841  2.011   2.304   1.00 0.00 ? 10 VAL A H    3 
ATOM   607  H HA   . VAL A 1 10 ? 1.532  3.947   4.143   1.00 0.00 ? 10 VAL A HA   3 
ATOM   608  H HB   . VAL A 1 10 ? 2.832  2.843   2.084   1.00 0.00 ? 10 VAL A HB   3 
ATOM   609  H HG11 . VAL A 1 10 ? 2.269  5.648   1.085   1.00 0.00 ? 10 VAL A HG11 3 
ATOM   610  H HG12 . VAL A 1 10 ? 1.666  4.161   0.346   1.00 0.00 ? 10 VAL A HG12 3 
ATOM   611  H HG13 . VAL A 1 10 ? 3.390  4.493   0.373   1.00 0.00 ? 10 VAL A HG13 3 
ATOM   612  H HG21 . VAL A 1 10 ? 3.393  5.493   3.422   1.00 0.00 ? 10 VAL A HG21 3 
ATOM   613  H HG22 . VAL A 1 10 ? 4.588  4.641   2.444   1.00 0.00 ? 10 VAL A HG22 3 
ATOM   614  H HG23 . VAL A 1 10 ? 3.968  3.902   3.921   1.00 0.00 ? 10 VAL A HG23 3 
ATOM   615  N N    . SER A 1 11 ? 0.123  5.234   1.495   1.00 0.00 ? 11 SER A N    3 
ATOM   616  C CA   . SER A 1 11 ? -0.577 6.388   0.977   1.00 0.00 ? 11 SER A CA   3 
ATOM   617  C C    . SER A 1 11 ? -1.734 6.781   1.891   1.00 0.00 ? 11 SER A C    3 
ATOM   618  O O    . SER A 1 11 ? -2.023 7.963   2.069   1.00 0.00 ? 11 SER A O    3 
ATOM   619  C CB   . SER A 1 11 ? -1.103 6.101   -0.429  1.00 0.00 ? 11 SER A CB   3 
ATOM   620  O OG   . SER A 1 11 ? -1.658 7.290   -0.974  1.00 0.00 ? 11 SER A OG   3 
ATOM   621  H H    . SER A 1 11 ? 0.324  4.475   0.903   1.00 0.00 ? 11 SER A H    3 
ATOM   622  H HA   . SER A 1 11 ? 0.130  7.200   0.927   1.00 0.00 ? 11 SER A HA   3 
ATOM   623  H HB2  . SER A 1 11 ? -0.294 5.767   -1.056  1.00 0.00 ? 11 SER A HB2  3 
ATOM   624  H HB3  . SER A 1 11 ? -1.859 5.329   -0.378  1.00 0.00 ? 11 SER A HB3  3 
ATOM   625  H HG   . SER A 1 11 ? -1.713 7.942   -0.271  1.00 0.00 ? 11 SER A HG   3 
ATOM   626  N N    . ASP A 1 12 ? -2.396 5.781   2.467   1.00 0.00 ? 12 ASP A N    3 
ATOM   627  C CA   . ASP A 1 12 ? -3.521 6.040   3.359   1.00 0.00 ? 12 ASP A CA   3 
ATOM   628  C C    . ASP A 1 12 ? -3.037 6.645   4.672   1.00 0.00 ? 12 ASP A C    3 
ATOM   629  O O    . ASP A 1 12 ? -3.429 7.752   5.038   1.00 0.00 ? 12 ASP A O    3 
ATOM   630  C CB   . ASP A 1 12 ? -4.284 4.741   3.633   1.00 0.00 ? 12 ASP A CB   3 
ATOM   631  C CG   . ASP A 1 12 ? -5.020 4.294   2.374   1.00 0.00 ? 12 ASP A CG   3 
ATOM   632  O OD1  . ASP A 1 12 ? -4.728 4.832   1.319   1.00 0.00 ? 12 ASP A OD1  3 
ATOM   633  O OD2  . ASP A 1 12 ? -5.865 3.421   2.485   1.00 0.00 ? 12 ASP A OD2  3 
ATOM   634  H H    . ASP A 1 12 ? -2.124 4.856   2.289   1.00 0.00 ? 12 ASP A H    3 
ATOM   635  H HA   . ASP A 1 12 ? -4.188 6.738   2.882   1.00 0.00 ? 12 ASP A HA   3 
ATOM   636  H HB2  . ASP A 1 12 ? -3.587 3.972   3.933   1.00 0.00 ? 12 ASP A HB2  3 
ATOM   637  H HB3  . ASP A 1 12 ? -4.999 4.905   4.424   1.00 0.00 ? 12 ASP A HB3  3 
ATOM   638  N N    . PHE A 1 13 ? -2.178 5.913   5.371   1.00 0.00 ? 13 PHE A N    3 
ATOM   639  C CA   . PHE A 1 13 ? -1.636 6.385   6.641   1.00 0.00 ? 13 PHE A CA   3 
ATOM   640  C C    . PHE A 1 13 ? -0.165 5.996   6.775   1.00 0.00 ? 13 PHE A C    3 
ATOM   641  O O    . PHE A 1 13 ? 0.196  5.189   7.631   1.00 0.00 ? 13 PHE A O    3 
ATOM   642  C CB   . PHE A 1 13 ? -2.441 5.806   7.805   1.00 0.00 ? 13 PHE A CB   3 
ATOM   643  C CG   . PHE A 1 13 ? -2.999 4.475   7.399   1.00 0.00 ? 13 PHE A CG   3 
ATOM   644  C CD1  . PHE A 1 13 ? -2.234 3.321   7.566   1.00 0.00 ? 13 PHE A CD1  3 
ATOM   645  C CD2  . PHE A 1 13 ? -4.283 4.400   6.856   1.00 0.00 ? 13 PHE A CD2  3 
ATOM   646  C CE1  . PHE A 1 13 ? -2.755 2.078   7.189   1.00 0.00 ? 13 PHE A CE1  3 
ATOM   647  C CE2  . PHE A 1 13 ? -4.808 3.160   6.477   1.00 0.00 ? 13 PHE A CE2  3 
ATOM   648  C CZ   . PHE A 1 13 ? -4.045 1.997   6.644   1.00 0.00 ? 13 PHE A CZ   3 
ATOM   649  H H    . PHE A 1 13 ? -1.902 5.042   5.025   1.00 0.00 ? 13 PHE A H    3 
ATOM   650  H HA   . PHE A 1 13 ? -1.715 7.452   6.675   1.00 0.00 ? 13 PHE A HA   3 
ATOM   651  H HB2  . PHE A 1 13 ? -1.802 5.684   8.667   1.00 0.00 ? 13 PHE A HB2  3 
ATOM   652  H HB3  . PHE A 1 13 ? -3.252 6.475   8.050   1.00 0.00 ? 13 PHE A HB3  3 
ATOM   653  H HD1  . PHE A 1 13 ? -1.239 3.392   7.984   1.00 0.00 ? 13 PHE A HD1  3 
ATOM   654  H HD2  . PHE A 1 13 ? -4.866 5.305   6.726   1.00 0.00 ? 13 PHE A HD2  3 
ATOM   655  H HE1  . PHE A 1 13 ? -2.166 1.183   7.318   1.00 0.00 ? 13 PHE A HE1  3 
ATOM   656  H HE2  . PHE A 1 13 ? -5.801 3.098   6.056   1.00 0.00 ? 13 PHE A HE2  3 
ATOM   657  H HZ   . PHE A 1 13 ? -4.448 1.039   6.352   1.00 0.00 ? 13 PHE A HZ   3 
HETATM 658  N N    . NH2 A 1 14 ? 0.713  6.528   5.969   1.00 0.00 ? 14 NH2 A N    3 
HETATM 659  H HN1  . NH2 A 1 14 ? 0.427  7.170   5.287   1.00 0.00 ? 14 NH2 A HN1  3 
HETATM 660  H HN2  . NH2 A 1 14 ? 1.659  6.284   6.046   1.00 0.00 ? 14 NH2 A HN2  3 
ATOM   661  N N    . GLY A 1 1  ? -9.002 -4.983  -0.914  1.00 0.00 ? 1  GLY A N    4 
ATOM   662  C CA   . GLY A 1 1  ? -8.363 -4.878  -2.257  1.00 0.00 ? 1  GLY A CA   4 
ATOM   663  C C    . GLY A 1 1  ? -6.864 -5.124  -2.127  1.00 0.00 ? 1  GLY A C    4 
ATOM   664  O O    . GLY A 1 1  ? -6.317 -5.119  -1.024  1.00 0.00 ? 1  GLY A O    4 
ATOM   665  H H1   . GLY A 1 1  ? -9.730 -5.724  -0.934  1.00 0.00 ? 1  GLY A H1   4 
ATOM   666  H H2   . GLY A 1 1  ? -9.440 -4.071  -0.668  1.00 0.00 ? 1  GLY A H2   4 
ATOM   667  H H3   . GLY A 1 1  ? -8.283 -5.224  -0.205  1.00 0.00 ? 1  GLY A H3   4 
ATOM   668  H HA2  . GLY A 1 1  ? -8.795 -5.616  -2.918  1.00 0.00 ? 1  GLY A HA2  4 
ATOM   669  H HA3  . GLY A 1 1  ? -8.529 -3.891  -2.660  1.00 0.00 ? 1  GLY A HA3  4 
ATOM   670  N N    . LEU A 1 2  ? -6.205 -5.339  -3.261  1.00 0.00 ? 2  LEU A N    4 
ATOM   671  C CA   . LEU A 1 2  ? -4.768 -5.587  -3.264  1.00 0.00 ? 2  LEU A CA   4 
ATOM   672  C C    . LEU A 1 2  ? -4.002 -4.283  -3.095  1.00 0.00 ? 2  LEU A C    4 
ATOM   673  O O    . LEU A 1 2  ? -3.094 -4.188  -2.269  1.00 0.00 ? 2  LEU A O    4 
ATOM   674  C CB   . LEU A 1 2  ? -4.357 -6.264  -4.578  1.00 0.00 ? 2  LEU A CB   4 
ATOM   675  C CG   . LEU A 1 2  ? -2.822 -6.317  -4.694  1.00 0.00 ? 2  LEU A CG   4 
ATOM   676  C CD1  . LEU A 1 2  ? -2.394 -7.666  -5.277  1.00 0.00 ? 2  LEU A CD1  4 
ATOM   677  C CD2  . LEU A 1 2  ? -2.330 -5.195  -5.620  1.00 0.00 ? 2  LEU A CD2  4 
ATOM   678  H H    . LEU A 1 2  ? -6.694 -5.331  -4.111  1.00 0.00 ? 2  LEU A H    4 
ATOM   679  H HA   . LEU A 1 2  ? -4.523 -6.240  -2.443  1.00 0.00 ? 2  LEU A HA   4 
ATOM   680  H HB2  . LEU A 1 2  ? -4.756 -7.269  -4.597  1.00 0.00 ? 2  LEU A HB2  4 
ATOM   681  H HB3  . LEU A 1 2  ? -4.764 -5.706  -5.409  1.00 0.00 ? 2  LEU A HB3  4 
ATOM   682  H HG   . LEU A 1 2  ? -2.379 -6.196  -3.715  1.00 0.00 ? 2  LEU A HG   4 
ATOM   683  H HD11 . LEU A 1 2  ? -2.648 -8.453  -4.584  1.00 0.00 ? 2  LEU A HD11 4 
ATOM   684  H HD12 . LEU A 1 2  ? -1.328 -7.663  -5.446  1.00 0.00 ? 2  LEU A HD12 4 
ATOM   685  H HD13 . LEU A 1 2  ? -2.907 -7.831  -6.213  1.00 0.00 ? 2  LEU A HD13 4 
ATOM   686  H HD21 . LEU A 1 2  ? -2.786 -5.306  -6.593  1.00 0.00 ? 2  LEU A HD21 4 
ATOM   687  H HD22 . LEU A 1 2  ? -1.256 -5.255  -5.718  1.00 0.00 ? 2  LEU A HD22 4 
ATOM   688  H HD23 . LEU A 1 2  ? -2.599 -4.236  -5.204  1.00 0.00 ? 2  LEU A HD23 4 
ATOM   689  N N    . PHE A 1 3  ? -4.367 -3.283  -3.883  1.00 0.00 ? 3  PHE A N    4 
ATOM   690  C CA   . PHE A 1 3  ? -3.696 -1.995  -3.809  1.00 0.00 ? 3  PHE A CA   4 
ATOM   691  C C    . PHE A 1 3  ? -3.723 -1.467  -2.379  1.00 0.00 ? 3  PHE A C    4 
ATOM   692  O O    . PHE A 1 3  ? -2.852 -0.694  -1.979  1.00 0.00 ? 3  PHE A O    4 
ATOM   693  C CB   . PHE A 1 3  ? -4.355 -0.993  -4.766  1.00 0.00 ? 3  PHE A CB   4 
ATOM   694  C CG   . PHE A 1 3  ? -3.442 -0.770  -5.949  1.00 0.00 ? 3  PHE A CG   4 
ATOM   695  C CD1  . PHE A 1 3  ? -2.341 0.085   -5.826  1.00 0.00 ? 3  PHE A CD1  4 
ATOM   696  C CD2  . PHE A 1 3  ? -3.686 -1.428  -7.160  1.00 0.00 ? 3  PHE A CD2  4 
ATOM   697  C CE1  . PHE A 1 3  ? -1.483 0.283   -6.914  1.00 0.00 ? 3  PHE A CE1  4 
ATOM   698  C CE2  . PHE A 1 3  ? -2.830 -1.229  -8.249  1.00 0.00 ? 3  PHE A CE2  4 
ATOM   699  C CZ   . PHE A 1 3  ? -1.728 -0.374  -8.126  1.00 0.00 ? 3  PHE A CZ   4 
ATOM   700  H H    . PHE A 1 3  ? -5.094 -3.416  -4.525  1.00 0.00 ? 3  PHE A H    4 
ATOM   701  H HA   . PHE A 1 3  ? -2.666 -2.130  -4.102  1.00 0.00 ? 3  PHE A HA   4 
ATOM   702  H HB2  . PHE A 1 3  ? -5.299 -1.392  -5.110  1.00 0.00 ? 3  PHE A HB2  4 
ATOM   703  H HB3  . PHE A 1 3  ? -4.523 -0.055  -4.259  1.00 0.00 ? 3  PHE A HB3  4 
ATOM   704  H HD1  . PHE A 1 3  ? -2.153 0.592   -4.891  1.00 0.00 ? 3  PHE A HD1  4 
ATOM   705  H HD2  . PHE A 1 3  ? -4.536 -2.087  -7.254  1.00 0.00 ? 3  PHE A HD2  4 
ATOM   706  H HE1  . PHE A 1 3  ? -0.633 0.941   -6.817  1.00 0.00 ? 3  PHE A HE1  4 
ATOM   707  H HE2  . PHE A 1 3  ? -3.018 -1.736  -9.182  1.00 0.00 ? 3  PHE A HE2  4 
ATOM   708  H HZ   . PHE A 1 3  ? -1.066 -0.221  -8.966  1.00 0.00 ? 3  PHE A HZ   4 
ATOM   709  N N    . ASP A 1 4  ? -4.710 -1.902  -1.606  1.00 0.00 ? 4  ASP A N    4 
ATOM   710  C CA   . ASP A 1 4  ? -4.808 -1.473  -0.218  1.00 0.00 ? 4  ASP A CA   4 
ATOM   711  C C    . ASP A 1 4  ? -3.505 -1.796  0.496   1.00 0.00 ? 4  ASP A C    4 
ATOM   712  O O    . ASP A 1 4  ? -2.991 -0.993  1.275   1.00 0.00 ? 4  ASP A O    4 
ATOM   713  C CB   . ASP A 1 4  ? -5.973 -2.182  0.476   1.00 0.00 ? 4  ASP A CB   4 
ATOM   714  C CG   . ASP A 1 4  ? -7.296 -1.718  -0.122  1.00 0.00 ? 4  ASP A CG   4 
ATOM   715  O OD1  . ASP A 1 4  ? -7.774 -0.673  0.286   1.00 0.00 ? 4  ASP A OD1  4 
ATOM   716  O OD2  . ASP A 1 4  ? -7.813 -2.416  -0.979  1.00 0.00 ? 4  ASP A OD2  4 
ATOM   717  H H    . ASP A 1 4  ? -5.371 -2.530  -1.968  1.00 0.00 ? 4  ASP A H    4 
ATOM   718  H HA   . ASP A 1 4  ? -4.972 -0.407  -0.189  1.00 0.00 ? 4  ASP A HA   4 
ATOM   719  H HB2  . ASP A 1 4  ? -5.873 -3.249  0.342   1.00 0.00 ? 4  ASP A HB2  4 
ATOM   720  H HB3  . ASP A 1 4  ? -5.956 -1.950  1.530   1.00 0.00 ? 4  ASP A HB3  4 
ATOM   721  N N    . ILE A 1 5  ? -2.967 -2.976  0.207   1.00 0.00 ? 5  ILE A N    4 
ATOM   722  C CA   . ILE A 1 5  ? -1.724 -3.408  0.793   1.00 0.00 ? 5  ILE A CA   4 
ATOM   723  C C    . ILE A 1 5  ? -0.570 -2.594  0.211   1.00 0.00 ? 5  ILE A C    4 
ATOM   724  O O    . ILE A 1 5  ? 0.431  -2.344  0.882   1.00 0.00 ? 5  ILE A O    4 
ATOM   725  C CB   . ILE A 1 5  ? -1.540 -4.892  0.483   1.00 0.00 ? 5  ILE A CB   4 
ATOM   726  C CG1  . ILE A 1 5  ? -2.474 -5.714  1.373   1.00 0.00 ? 5  ILE A CG1  4 
ATOM   727  C CG2  . ILE A 1 5  ? -0.098 -5.295  0.744   1.00 0.00 ? 5  ILE A CG2  4 
ATOM   728  C CD1  . ILE A 1 5  ? -3.932 -5.376  1.048   1.00 0.00 ? 5  ILE A CD1  4 
ATOM   729  H H    . ILE A 1 5  ? -3.412 -3.570  -0.427  1.00 0.00 ? 5  ILE A H    4 
ATOM   730  H HA   . ILE A 1 5  ? -1.760 -3.268  1.862   1.00 0.00 ? 5  ILE A HA   4 
ATOM   731  H HB   . ILE A 1 5  ? -1.781 -5.073  -0.555  1.00 0.00 ? 5  ILE A HB   4 
ATOM   732  H HG12 . ILE A 1 5  ? -2.303 -6.765  1.198   1.00 0.00 ? 5  ILE A HG12 4 
ATOM   733  H HG13 . ILE A 1 5  ? -2.277 -5.485  2.409   1.00 0.00 ? 5  ILE A HG13 4 
ATOM   734  H HG21 . ILE A 1 5  ? -0.032 -6.370  0.792   1.00 0.00 ? 5  ILE A HG21 4 
ATOM   735  H HG22 . ILE A 1 5  ? 0.229  -4.866  1.678   1.00 0.00 ? 5  ILE A HG22 4 
ATOM   736  H HG23 . ILE A 1 5  ? 0.523  -4.930  -0.060  1.00 0.00 ? 5  ILE A HG23 4 
ATOM   737  H HD11 . ILE A 1 5  ? -4.568 -6.193  1.358   1.00 0.00 ? 5  ILE A HD11 4 
ATOM   738  H HD12 . ILE A 1 5  ? -4.040 -5.220  -0.016  1.00 0.00 ? 5  ILE A HD12 4 
ATOM   739  H HD13 . ILE A 1 5  ? -4.219 -4.478  1.575   1.00 0.00 ? 5  ILE A HD13 4 
ATOM   740  N N    . VAL A 1 6  ? -0.730 -2.177  -1.043  1.00 0.00 ? 6  VAL A N    4 
ATOM   741  C CA   . VAL A 1 6  ? 0.291  -1.381  -1.713  1.00 0.00 ? 6  VAL A CA   4 
ATOM   742  C C    . VAL A 1 6  ? 0.330  0.022   -1.120  1.00 0.00 ? 6  VAL A C    4 
ATOM   743  O O    . VAL A 1 6  ? 1.397  0.623   -0.984  1.00 0.00 ? 6  VAL A O    4 
ATOM   744  C CB   . VAL A 1 6  ? -0.015 -1.292  -3.211  1.00 0.00 ? 6  VAL A CB   4 
ATOM   745  C CG1  . VAL A 1 6  ? 1.114  -0.546  -3.924  1.00 0.00 ? 6  VAL A CG1  4 
ATOM   746  C CG2  . VAL A 1 6  ? -0.139 -2.703  -3.794  1.00 0.00 ? 6  VAL A CG2  4 
ATOM   747  H H    . VAL A 1 6  ? -1.555 -2.403  -1.523  1.00 0.00 ? 6  VAL A H    4 
ATOM   748  H HA   . VAL A 1 6  ? 1.253  -1.850  -1.577  1.00 0.00 ? 6  VAL A HA   4 
ATOM   749  H HB   . VAL A 1 6  ? -0.943 -0.759  -3.355  1.00 0.00 ? 6  VAL A HB   4 
ATOM   750  H HG11 . VAL A 1 6  ? 2.064  -0.977  -3.645  1.00 0.00 ? 6  VAL A HG11 4 
ATOM   751  H HG12 . VAL A 1 6  ? 1.093  0.496   -3.640  1.00 0.00 ? 6  VAL A HG12 4 
ATOM   752  H HG13 . VAL A 1 6  ? 0.982  -0.630  -4.993  1.00 0.00 ? 6  VAL A HG13 4 
ATOM   753  H HG21 . VAL A 1 6  ? -0.838 -3.276  -3.204  1.00 0.00 ? 6  VAL A HG21 4 
ATOM   754  H HG22 . VAL A 1 6  ? 0.826  -3.185  -3.778  1.00 0.00 ? 6  VAL A HG22 4 
ATOM   755  H HG23 . VAL A 1 6  ? -0.495 -2.640  -4.812  1.00 0.00 ? 6  VAL A HG23 4 
ATOM   756  N N    . LYS A 1 7  ? -0.843 0.534   -0.766  1.00 0.00 ? 7  LYS A N    4 
ATOM   757  C CA   . LYS A 1 7  ? -0.945 1.865   -0.182  1.00 0.00 ? 7  LYS A CA   4 
ATOM   758  C C    . LYS A 1 7  ? -0.480 1.844   1.270   1.00 0.00 ? 7  LYS A C    4 
ATOM   759  O O    . LYS A 1 7  ? 0.046  2.834   1.779   1.00 0.00 ? 7  LYS A O    4 
ATOM   760  C CB   . LYS A 1 7  ? -2.395 2.356   -0.257  1.00 0.00 ? 7  LYS A CB   4 
ATOM   761  C CG   . LYS A 1 7  ? -2.690 2.874   -1.666  1.00 0.00 ? 7  LYS A CG   4 
ATOM   762  C CD   . LYS A 1 7  ? -4.200 3.061   -1.836  1.00 0.00 ? 7  LYS A CD   4 
ATOM   763  C CE   . LYS A 1 7  ? -4.475 3.861   -3.111  1.00 0.00 ? 7  LYS A CE   4 
ATOM   764  N NZ   . LYS A 1 7  ? -3.968 5.252   -2.944  1.00 0.00 ? 7  LYS A NZ   4 
ATOM   765  H H    . LYS A 1 7  ? -1.656 0.003   -0.897  1.00 0.00 ? 7  LYS A H    4 
ATOM   766  H HA   . LYS A 1 7  ? -0.315 2.542   -0.741  1.00 0.00 ? 7  LYS A HA   4 
ATOM   767  H HB2  . LYS A 1 7  ? -3.063 1.538   -0.026  1.00 0.00 ? 7  LYS A HB2  4 
ATOM   768  H HB3  . LYS A 1 7  ? -2.544 3.154   0.456   1.00 0.00 ? 7  LYS A HB3  4 
ATOM   769  H HG2  . LYS A 1 7  ? -2.189 3.821   -1.813  1.00 0.00 ? 7  LYS A HG2  4 
ATOM   770  H HG3  . LYS A 1 7  ? -2.334 2.161   -2.394  1.00 0.00 ? 7  LYS A HG3  4 
ATOM   771  H HD2  . LYS A 1 7  ? -4.676 2.095   -1.905  1.00 0.00 ? 7  LYS A HD2  4 
ATOM   772  H HD3  . LYS A 1 7  ? -4.593 3.597   -0.985  1.00 0.00 ? 7  LYS A HD3  4 
ATOM   773  H HE2  . LYS A 1 7  ? -3.975 3.392   -3.945  1.00 0.00 ? 7  LYS A HE2  4 
ATOM   774  H HE3  . LYS A 1 7  ? -5.539 3.885   -3.296  1.00 0.00 ? 7  LYS A HE3  4 
ATOM   775  H HZ1  . LYS A 1 7  ? -3.570 5.364   -1.990  1.00 0.00 ? 7  LYS A HZ1  4 
ATOM   776  H HZ2  . LYS A 1 7  ? -4.751 5.924   -3.075  1.00 0.00 ? 7  LYS A HZ2  4 
ATOM   777  H HZ3  . LYS A 1 7  ? -3.227 5.438   -3.650  1.00 0.00 ? 7  LYS A HZ3  4 
ATOM   778  N N    . LYS A 1 8  ? -0.671 0.707   1.930   1.00 0.00 ? 8  LYS A N    4 
ATOM   779  C CA   . LYS A 1 8  ? -0.259 0.568   3.321   1.00 0.00 ? 8  LYS A CA   4 
ATOM   780  C C    . LYS A 1 8  ? 1.254  0.404   3.404   1.00 0.00 ? 8  LYS A C    4 
ATOM   781  O O    . LYS A 1 8  ? 1.863  0.655   4.444   1.00 0.00 ? 8  LYS A O    4 
ATOM   782  C CB   . LYS A 1 8  ? -0.945 -0.646  3.950   1.00 0.00 ? 8  LYS A CB   4 
ATOM   783  C CG   . LYS A 1 8  ? -0.785 -0.594  5.471   1.00 0.00 ? 8  LYS A CG   4 
ATOM   784  C CD   . LYS A 1 8  ? -1.445 -1.825  6.096   1.00 0.00 ? 8  LYS A CD   4 
ATOM   785  C CE   . LYS A 1 8  ? -1.608 -1.609  7.602   1.00 0.00 ? 8  LYS A CE   4 
ATOM   786  N NZ   . LYS A 1 8  ? -2.286 -2.792  8.202   1.00 0.00 ? 8  LYS A NZ   4 
ATOM   787  H H    . LYS A 1 8  ? -1.090 -0.051  1.473   1.00 0.00 ? 8  LYS A H    4 
ATOM   788  H HA   . LYS A 1 8  ? -0.547 1.455   3.864   1.00 0.00 ? 8  LYS A HA   4 
ATOM   789  H HB2  . LYS A 1 8  ? -1.996 -0.636  3.697   1.00 0.00 ? 8  LYS A HB2  4 
ATOM   790  H HB3  . LYS A 1 8  ? -0.493 -1.550  3.574   1.00 0.00 ? 8  LYS A HB3  4 
ATOM   791  H HG2  . LYS A 1 8  ? 0.266  -0.582  5.721   1.00 0.00 ? 8  LYS A HG2  4 
ATOM   792  H HG3  . LYS A 1 8  ? -1.257 0.298   5.853   1.00 0.00 ? 8  LYS A HG3  4 
ATOM   793  H HD2  . LYS A 1 8  ? -2.416 -1.979  5.647   1.00 0.00 ? 8  LYS A HD2  4 
ATOM   794  H HD3  . LYS A 1 8  ? -0.826 -2.693  5.923   1.00 0.00 ? 8  LYS A HD3  4 
ATOM   795  H HE2  . LYS A 1 8  ? -0.635 -1.484  8.054   1.00 0.00 ? 8  LYS A HE2  4 
ATOM   796  H HE3  . LYS A 1 8  ? -2.203 -0.725  7.776   1.00 0.00 ? 8  LYS A HE3  4 
ATOM   797  H HZ1  . LYS A 1 8  ? -2.738 -2.517  9.097   1.00 0.00 ? 8  LYS A HZ1  4 
ATOM   798  H HZ2  . LYS A 1 8  ? -1.584 -3.539  8.384   1.00 0.00 ? 8  LYS A HZ2  4 
ATOM   799  H HZ3  . LYS A 1 8  ? -3.009 -3.149  7.546   1.00 0.00 ? 8  LYS A HZ3  4 
ATOM   800  N N    . LEU A 1 9  ? 1.853  -0.017  2.294   1.00 0.00 ? 9  LEU A N    4 
ATOM   801  C CA   . LEU A 1 9  ? 3.280  -0.213  2.223   1.00 0.00 ? 9  LEU A CA   4 
ATOM   802  C C    . LEU A 1 9  ? 3.974  1.112   1.928   1.00 0.00 ? 9  LEU A C    4 
ATOM   803  O O    . LEU A 1 9  ? 4.861  1.538   2.665   1.00 0.00 ? 9  LEU A O    4 
ATOM   804  C CB   . LEU A 1 9  ? 3.575  -1.225  1.118   1.00 0.00 ? 9  LEU A CB   4 
ATOM   805  C CG   . LEU A 1 9  ? 5.079  -1.382  0.968   1.00 0.00 ? 9  LEU A CG   4 
ATOM   806  C CD1  . LEU A 1 9  ? 5.630  -2.264  2.094   1.00 0.00 ? 9  LEU A CD1  4 
ATOM   807  C CD2  . LEU A 1 9  ? 5.398  -2.020  -0.386  1.00 0.00 ? 9  LEU A CD2  4 
ATOM   808  H H    . LEU A 1 9  ? 1.325  -0.196  1.497   1.00 0.00 ? 9  LEU A H    4 
ATOM   809  H HA   . LEU A 1 9  ? 3.639  -0.600  3.163   1.00 0.00 ? 9  LEU A HA   4 
ATOM   810  H HB2  . LEU A 1 9  ? 3.130  -2.175  1.370   1.00 0.00 ? 9  LEU A HB2  4 
ATOM   811  H HB3  . LEU A 1 9  ? 3.158  -0.867  0.188   1.00 0.00 ? 9  LEU A HB3  4 
ATOM   812  H HG   . LEU A 1 9  ? 5.526  -0.408  1.024   1.00 0.00 ? 9  LEU A HG   4 
ATOM   813  H HD11 . LEU A 1 9  ? 4.989  -3.123  2.228   1.00 0.00 ? 9  LEU A HD11 4 
ATOM   814  H HD12 . LEU A 1 9  ? 5.666  -1.697  3.012   1.00 0.00 ? 9  LEU A HD12 4 
ATOM   815  H HD13 . LEU A 1 9  ? 6.625  -2.595  1.837   1.00 0.00 ? 9  LEU A HD13 4 
ATOM   816  H HD21 . LEU A 1 9  ? 6.466  -2.145  -0.482  1.00 0.00 ? 9  LEU A HD21 4 
ATOM   817  H HD22 . LEU A 1 9  ? 5.038  -1.381  -1.178  1.00 0.00 ? 9  LEU A HD22 4 
ATOM   818  H HD23 . LEU A 1 9  ? 4.915  -2.984  -0.453  1.00 0.00 ? 9  LEU A HD23 4 
ATOM   819  N N    . VAL A 1 10 ? 3.563  1.761   0.845   1.00 0.00 ? 10 VAL A N    4 
ATOM   820  C CA   . VAL A 1 10 ? 4.157  3.039   0.474   1.00 0.00 ? 10 VAL A CA   4 
ATOM   821  C C    . VAL A 1 10 ? 4.197  3.954   1.671   1.00 0.00 ? 10 VAL A C    4 
ATOM   822  O O    . VAL A 1 10 ? 5.241  4.487   2.048   1.00 0.00 ? 10 VAL A O    4 
ATOM   823  C CB   . VAL A 1 10 ? 3.336  3.704   -0.647  1.00 0.00 ? 10 VAL A CB   4 
ATOM   824  C CG1  . VAL A 1 10 ? 2.246  4.640   -0.089  1.00 0.00 ? 10 VAL A CG1  4 
ATOM   825  C CG2  . VAL A 1 10 ? 4.272  4.522   -1.536  1.00 0.00 ? 10 VAL A CG2  4 
ATOM   826  H H    . VAL A 1 10 ? 2.849  1.376   0.292   1.00 0.00 ? 10 VAL A H    4 
ATOM   827  H HA   . VAL A 1 10 ? 5.164  2.870   0.123   1.00 0.00 ? 10 VAL A HA   4 
ATOM   828  H HB   . VAL A 1 10 ? 2.861  2.939   -1.224  1.00 0.00 ? 10 VAL A HB   4 
ATOM   829  H HG11 . VAL A 1 10 ? 1.672  5.045   -0.907  1.00 0.00 ? 10 VAL A HG11 4 
ATOM   830  H HG12 . VAL A 1 10 ? 2.703  5.453   0.458   1.00 0.00 ? 10 VAL A HG12 4 
ATOM   831  H HG13 . VAL A 1 10 ? 1.589  4.085   0.565   1.00 0.00 ? 10 VAL A HG13 4 
ATOM   832  H HG21 . VAL A 1 10 ? 3.692  5.072   -2.260  1.00 0.00 ? 10 VAL A HG21 4 
ATOM   833  H HG22 . VAL A 1 10 ? 4.955  3.859   -2.044  1.00 0.00 ? 10 VAL A HG22 4 
ATOM   834  H HG23 . VAL A 1 10 ? 4.831  5.215   -0.922  1.00 0.00 ? 10 VAL A HG23 4 
ATOM   835  N N    . SER A 1 11 ? 3.029  4.148   2.235   1.00 0.00 ? 11 SER A N    4 
ATOM   836  C CA   . SER A 1 11 ? 2.879  5.027   3.371   1.00 0.00 ? 11 SER A CA   4 
ATOM   837  C C    . SER A 1 11 ? 3.934  4.725   4.430   1.00 0.00 ? 11 SER A C    4 
ATOM   838  O O    . SER A 1 11 ? 4.538  5.636   4.995   1.00 0.00 ? 11 SER A O    4 
ATOM   839  C CB   . SER A 1 11 ? 1.481  4.883   3.973   1.00 0.00 ? 11 SER A CB   4 
ATOM   840  O OG   . SER A 1 11 ? 1.227  5.978   4.841   1.00 0.00 ? 11 SER A OG   4 
ATOM   841  H H    . SER A 1 11 ? 2.240  3.705   1.848   1.00 0.00 ? 11 SER A H    4 
ATOM   842  H HA   . SER A 1 11 ? 3.006  6.038   3.019   1.00 0.00 ? 11 SER A HA   4 
ATOM   843  H HB2  . SER A 1 11 ? 0.746  4.876   3.186   1.00 0.00 ? 11 SER A HB2  4 
ATOM   844  H HB3  . SER A 1 11 ? 1.423  3.952   4.523   1.00 0.00 ? 11 SER A HB3  4 
ATOM   845  H HG   . SER A 1 11 ? 0.605  6.565   4.406   1.00 0.00 ? 11 SER A HG   4 
ATOM   846  N N    . ASP A 1 12 ? 4.149  3.441   4.692   1.00 0.00 ? 12 ASP A N    4 
ATOM   847  C CA   . ASP A 1 12 ? 5.135  3.030   5.686   1.00 0.00 ? 12 ASP A CA   4 
ATOM   848  C C    . ASP A 1 12 ? 6.525  3.517   5.284   1.00 0.00 ? 12 ASP A C    4 
ATOM   849  O O    . ASP A 1 12 ? 7.362  3.808   6.138   1.00 0.00 ? 12 ASP A O    4 
ATOM   850  C CB   . ASP A 1 12 ? 5.137  1.505   5.829   1.00 0.00 ? 12 ASP A CB   4 
ATOM   851  C CG   . ASP A 1 12 ? 3.956  1.057   6.683   1.00 0.00 ? 12 ASP A CG   4 
ATOM   852  O OD1  . ASP A 1 12 ? 2.863  1.547   6.451   1.00 0.00 ? 12 ASP A OD1  4 
ATOM   853  O OD2  . ASP A 1 12 ? 4.163  0.232   7.558   1.00 0.00 ? 12 ASP A OD2  4 
ATOM   854  H H    . ASP A 1 12 ? 3.637  2.759   4.208   1.00 0.00 ? 12 ASP A H    4 
ATOM   855  H HA   . ASP A 1 12 ? 4.874  3.470   6.638   1.00 0.00 ? 12 ASP A HA   4 
ATOM   856  H HB2  . ASP A 1 12 ? 5.062  1.052   4.851   1.00 0.00 ? 12 ASP A HB2  4 
ATOM   857  H HB3  . ASP A 1 12 ? 6.057  1.189   6.298   1.00 0.00 ? 12 ASP A HB3  4 
ATOM   858  N N    . PHE A 1 13 ? 6.760  3.608   3.979   1.00 0.00 ? 13 PHE A N    4 
ATOM   859  C CA   . PHE A 1 13 ? 8.049  4.067   3.476   1.00 0.00 ? 13 PHE A CA   4 
ATOM   860  C C    . PHE A 1 13 ? 7.932  4.492   2.013   1.00 0.00 ? 13 PHE A C    4 
ATOM   861  O O    . PHE A 1 13 ? 7.453  3.727   1.176   1.00 0.00 ? 13 PHE A O    4 
ATOM   862  C CB   . PHE A 1 13 ? 9.093  2.961   3.626   1.00 0.00 ? 13 PHE A CB   4 
ATOM   863  C CG   . PHE A 1 13 ? 9.122  2.125   2.379   1.00 0.00 ? 13 PHE A CG   4 
ATOM   864  C CD1  . PHE A 1 13 ? 9.892  2.537   1.289   1.00 0.00 ? 13 PHE A CD1  4 
ATOM   865  C CD2  . PHE A 1 13 ? 8.382  0.945   2.318   1.00 0.00 ? 13 PHE A CD2  4 
ATOM   866  C CE1  . PHE A 1 13 ? 9.923  1.759   0.125   1.00 0.00 ? 13 PHE A CE1  4 
ATOM   867  C CE2  . PHE A 1 13 ? 8.408  0.165   1.155   1.00 0.00 ? 13 PHE A CE2  4 
ATOM   868  C CZ   . PHE A 1 13 ? 9.181  0.573   0.058   1.00 0.00 ? 13 PHE A CZ   4 
ATOM   869  H H    . PHE A 1 13 ? 6.055  3.366   3.344   1.00 0.00 ? 13 PHE A H    4 
ATOM   870  H HA   . PHE A 1 13 ? 8.366  4.911   4.052   1.00 0.00 ? 13 PHE A HA   4 
ATOM   871  H HB2  . PHE A 1 13 ? 10.067 3.402   3.786   1.00 0.00 ? 13 PHE A HB2  4 
ATOM   872  H HB3  . PHE A 1 13 ? 8.837  2.339   4.471   1.00 0.00 ? 13 PHE A HB3  4 
ATOM   873  H HD1  . PHE A 1 13 ? 10.460 3.457   1.348   1.00 0.00 ? 13 PHE A HD1  4 
ATOM   874  H HD2  . PHE A 1 13 ? 7.785  0.641   3.167   1.00 0.00 ? 13 PHE A HD2  4 
ATOM   875  H HE1  . PHE A 1 13 ? 10.517 2.075   -0.719  1.00 0.00 ? 13 PHE A HE1  4 
ATOM   876  H HE2  . PHE A 1 13 ? 7.837  -0.749  1.104   1.00 0.00 ? 13 PHE A HE2  4 
ATOM   877  H HZ   . PHE A 1 13 ? 9.203  -0.029  -0.839  1.00 0.00 ? 13 PHE A HZ   4 
HETATM 878  N N    . NH2 A 1 14 ? 8.345  5.677   1.653   1.00 0.00 ? 14 NH2 A N    4 
HETATM 879  H HN1  . NH2 A 1 14 ? 8.726  6.285   2.320   1.00 0.00 ? 14 NH2 A HN1  4 
HETATM 880  H HN2  . NH2 A 1 14 ? 8.273  5.958   0.718   1.00 0.00 ? 14 NH2 A HN2  4 
ATOM   881  N N    . GLY A 1 1  ? 7.232  -6.771  2.508   1.00 0.00 ? 1  GLY A N    5 
ATOM   882  C CA   . GLY A 1 1  ? 6.478  -7.085  3.756   1.00 0.00 ? 1  GLY A CA   5 
ATOM   883  C C    . GLY A 1 1  ? 4.995  -6.806  3.539   1.00 0.00 ? 1  GLY A C    5 
ATOM   884  O O    . GLY A 1 1  ? 4.504  -6.845  2.410   1.00 0.00 ? 1  GLY A O    5 
ATOM   885  H H1   . GLY A 1 1  ? 6.565  -6.510  1.756   1.00 0.00 ? 1  GLY A H1   5 
ATOM   886  H H2   . GLY A 1 1  ? 7.778  -7.608  2.215   1.00 0.00 ? 1  GLY A H2   5 
ATOM   887  H H3   . GLY A 1 1  ? 7.880  -5.978  2.685   1.00 0.00 ? 1  GLY A H3   5 
ATOM   888  H HA2  . GLY A 1 1  ? 6.616  -8.127  4.007   1.00 0.00 ? 1  GLY A HA2  5 
ATOM   889  H HA3  . GLY A 1 1  ? 6.842  -6.467  4.562   1.00 0.00 ? 1  GLY A HA3  5 
ATOM   890  N N    . LEU A 1 2  ? 4.285  -6.524  4.627   1.00 0.00 ? 2  LEU A N    5 
ATOM   891  C CA   . LEU A 1 2  ? 2.857  -6.241  4.546   1.00 0.00 ? 2  LEU A CA   5 
ATOM   892  C C    . LEU A 1 2  ? 2.621  -4.825  4.042   1.00 0.00 ? 2  LEU A C    5 
ATOM   893  O O    . LEU A 1 2  ? 1.778  -4.600  3.174   1.00 0.00 ? 2  LEU A O    5 
ATOM   894  C CB   . LEU A 1 2  ? 2.210  -6.419  5.927   1.00 0.00 ? 2  LEU A CB   5 
ATOM   895  C CG   . LEU A 1 2  ? 0.777  -5.849  5.925   1.00 0.00 ? 2  LEU A CG   5 
ATOM   896  C CD1  . LEU A 1 2  ? -0.146 -6.768  6.730   1.00 0.00 ? 2  LEU A CD1  5 
ATOM   897  C CD2  . LEU A 1 2  ? 0.771  -4.452  6.560   1.00 0.00 ? 2  LEU A CD2  5 
ATOM   898  H H    . LEU A 1 2  ? 4.730  -6.508  5.500   1.00 0.00 ? 2  LEU A H    5 
ATOM   899  H HA   . LEU A 1 2  ? 2.402  -6.931  3.855   1.00 0.00 ? 2  LEU A HA   5 
ATOM   900  H HB2  . LEU A 1 2  ? 2.179  -7.472  6.170   1.00 0.00 ? 2  LEU A HB2  5 
ATOM   901  H HB3  . LEU A 1 2  ? 2.801  -5.900  6.667   1.00 0.00 ? 2  LEU A HB3  5 
ATOM   902  H HG   . LEU A 1 2  ? 0.414  -5.785  4.908   1.00 0.00 ? 2  LEU A HG   5 
ATOM   903  H HD11 . LEU A 1 2  ? 0.298  -6.968  7.694   1.00 0.00 ? 2  LEU A HD11 5 
ATOM   904  H HD12 . LEU A 1 2  ? -0.286 -7.696  6.197   1.00 0.00 ? 2  LEU A HD12 5 
ATOM   905  H HD13 . LEU A 1 2  ? -1.102 -6.285  6.868   1.00 0.00 ? 2  LEU A HD13 5 
ATOM   906  H HD21 . LEU A 1 2  ? -0.135 -3.934  6.281   1.00 0.00 ? 2  LEU A HD21 5 
ATOM   907  H HD22 . LEU A 1 2  ? 1.626  -3.893  6.213   1.00 0.00 ? 2  LEU A HD22 5 
ATOM   908  H HD23 . LEU A 1 2  ? 0.816  -4.545  7.635   1.00 0.00 ? 2  LEU A HD23 5 
ATOM   909  N N    . PHE A 1 3  ? 3.364  -3.875  4.589   1.00 0.00 ? 3  PHE A N    5 
ATOM   910  C CA   . PHE A 1 3  ? 3.209  -2.489  4.177   1.00 0.00 ? 3  PHE A CA   5 
ATOM   911  C C    . PHE A 1 3  ? 3.460  -2.356  2.681   1.00 0.00 ? 3  PHE A C    5 
ATOM   912  O O    . PHE A 1 3  ? 2.915  -1.467  2.029   1.00 0.00 ? 3  PHE A O    5 
ATOM   913  C CB   . PHE A 1 3  ? 4.164  -1.585  4.969   1.00 0.00 ? 3  PHE A CB   5 
ATOM   914  C CG   . PHE A 1 3  ? 3.357  -0.747  5.932   1.00 0.00 ? 3  PHE A CG   5 
ATOM   915  C CD1  . PHE A 1 3  ? 2.920  -1.301  7.140   1.00 0.00 ? 3  PHE A CD1  5 
ATOM   916  C CD2  . PHE A 1 3  ? 3.030  0.575   5.608   1.00 0.00 ? 3  PHE A CD2  5 
ATOM   917  C CE1  . PHE A 1 3  ? 2.158  -0.534  8.027   1.00 0.00 ? 3  PHE A CE1  5 
ATOM   918  C CE2  . PHE A 1 3  ? 2.269  1.343   6.495   1.00 0.00 ? 3  PHE A CE2  5 
ATOM   919  C CZ   . PHE A 1 3  ? 1.831  0.790   7.705   1.00 0.00 ? 3  PHE A CZ   5 
ATOM   920  H H    . PHE A 1 3  ? 4.019  -4.109  5.279   1.00 0.00 ? 3  PHE A H    5 
ATOM   921  H HA   . PHE A 1 3  ? 2.193  -2.187  4.381   1.00 0.00 ? 3  PHE A HA   5 
ATOM   922  H HB2  . PHE A 1 3  ? 4.866  -2.194  5.519   1.00 0.00 ? 3  PHE A HB2  5 
ATOM   923  H HB3  . PHE A 1 3  ? 4.702  -0.936  4.293   1.00 0.00 ? 3  PHE A HB3  5 
ATOM   924  H HD1  . PHE A 1 3  ? 3.174  -2.321  7.389   1.00 0.00 ? 3  PHE A HD1  5 
ATOM   925  H HD2  . PHE A 1 3  ? 3.368  1.001   4.675   1.00 0.00 ? 3  PHE A HD2  5 
ATOM   926  H HE1  . PHE A 1 3  ? 1.819  -0.963  8.958   1.00 0.00 ? 3  PHE A HE1  5 
ATOM   927  H HE2  . PHE A 1 3  ? 2.016  2.362   6.245   1.00 0.00 ? 3  PHE A HE2  5 
ATOM   928  H HZ   . PHE A 1 3  ? 1.242  1.382   8.389   1.00 0.00 ? 3  PHE A HZ   5 
ATOM   929  N N    . ASP A 1 4  ? 4.270  -3.259  2.138   1.00 0.00 ? 4  ASP A N    5 
ATOM   930  C CA   . ASP A 1 4  ? 4.556  -3.233  0.712   1.00 0.00 ? 4  ASP A CA   5 
ATOM   931  C C    . ASP A 1 4  ? 3.247  -3.227  -0.062  1.00 0.00 ? 4  ASP A C    5 
ATOM   932  O O    . ASP A 1 4  ? 3.100  -2.520  -1.059  1.00 0.00 ? 4  ASP A O    5 
ATOM   933  C CB   . ASP A 1 4  ? 5.388  -4.454  0.318   1.00 0.00 ? 4  ASP A CB   5 
ATOM   934  C CG   . ASP A 1 4  ? 6.748  -4.403  1.006   1.00 0.00 ? 4  ASP A CG   5 
ATOM   935  O OD1  . ASP A 1 4  ? 6.773  -4.222  2.212   1.00 0.00 ? 4  ASP A OD1  5 
ATOM   936  O OD2  . ASP A 1 4  ? 7.745  -4.544  0.317   1.00 0.00 ? 4  ASP A OD2  5 
ATOM   937  H H    . ASP A 1 4  ? 4.666  -3.957  2.700   1.00 0.00 ? 4  ASP A H    5 
ATOM   938  H HA   . ASP A 1 4  ? 5.107  -2.336  0.478   1.00 0.00 ? 4  ASP A HA   5 
ATOM   939  H HB2  . ASP A 1 4  ? 4.870  -5.353  0.616   1.00 0.00 ? 4  ASP A HB2  5 
ATOM   940  H HB3  . ASP A 1 4  ? 5.531  -4.461  -0.753  1.00 0.00 ? 4  ASP A HB3  5 
ATOM   941  N N    . ILE A 1 5  ? 2.291  -4.016  0.418   1.00 0.00 ? 5  ILE A N    5 
ATOM   942  C CA   . ILE A 1 5  ? 0.993  -4.102  -0.202  1.00 0.00 ? 5  ILE A CA   5 
ATOM   943  C C    . ILE A 1 5  ? 0.184  -2.844  0.106   1.00 0.00 ? 5  ILE A C    5 
ATOM   944  O O    . ILE A 1 5  ? -0.638 -2.407  -0.699  1.00 0.00 ? 5  ILE A O    5 
ATOM   945  C CB   . ILE A 1 5  ? 0.287  -5.337  0.347   1.00 0.00 ? 5  ILE A CB   5 
ATOM   946  C CG1  . ILE A 1 5  ? 0.905  -6.592  -0.272  1.00 0.00 ? 5  ILE A CG1  5 
ATOM   947  C CG2  . ILE A 1 5  ? -1.193 -5.275  0.007   1.00 0.00 ? 5  ILE A CG2  5 
ATOM   948  C CD1  . ILE A 1 5  ? 2.383  -6.688  0.118   1.00 0.00 ? 5  ILE A CD1  5 
ATOM   949  H H    . ILE A 1 5  ? 2.458  -4.553  1.218   1.00 0.00 ? 5  ILE A H    5 
ATOM   950  H HA   . ILE A 1 5  ? 1.109  -4.203  -1.271  1.00 0.00 ? 5  ILE A HA   5 
ATOM   951  H HB   . ILE A 1 5  ? 0.405  -5.369  1.420   1.00 0.00 ? 5  ILE A HB   5 
ATOM   952  H HG12 . ILE A 1 5  ? 0.382  -7.464  0.089   1.00 0.00 ? 5  ILE A HG12 5 
ATOM   953  H HG13 . ILE A 1 5  ? 0.823  -6.539  -1.345  1.00 0.00 ? 5  ILE A HG13 5 
ATOM   954  H HG21 . ILE A 1 5  ? -1.678 -4.563  0.657   1.00 0.00 ? 5  ILE A HG21 5 
ATOM   955  H HG22 . ILE A 1 5  ? -1.632 -6.250  0.146   1.00 0.00 ? 5  ILE A HG22 5 
ATOM   956  H HG23 . ILE A 1 5  ? -1.310 -4.965  -1.020  1.00 0.00 ? 5  ILE A HG23 5 
ATOM   957  H HD11 . ILE A 1 5  ? 2.514  -6.342  1.133   1.00 0.00 ? 5  ILE A HD11 5 
ATOM   958  H HD12 . ILE A 1 5  ? 2.973  -6.078  -0.550  1.00 0.00 ? 5  ILE A HD12 5 
ATOM   959  H HD13 . ILE A 1 5  ? 2.707  -7.716  0.045   1.00 0.00 ? 5  ILE A HD13 5 
ATOM   960  N N    . VAL A 1 6  ? 0.433  -2.267  1.278   1.00 0.00 ? 6  VAL A N    5 
ATOM   961  C CA   . VAL A 1 6  ? -0.268 -1.056  1.691   1.00 0.00 ? 6  VAL A CA   5 
ATOM   962  C C    . VAL A 1 6  ? 0.256  0.146   0.916   1.00 0.00 ? 6  VAL A C    5 
ATOM   963  O O    . VAL A 1 6  ? -0.506 1.035   0.534   1.00 0.00 ? 6  VAL A O    5 
ATOM   964  C CB   . VAL A 1 6  ? -0.068 -0.818  3.190   1.00 0.00 ? 6  VAL A CB   5 
ATOM   965  C CG1  . VAL A 1 6  ? -0.996 0.304   3.660   1.00 0.00 ? 6  VAL A CG1  5 
ATOM   966  C CG2  . VAL A 1 6  ? -0.391 -2.100  3.966   1.00 0.00 ? 6  VAL A CG2  5 
ATOM   967  H H    . VAL A 1 6  ? 1.103  -2.660  1.875   1.00 0.00 ? 6  VAL A H    5 
ATOM   968  H HA   . VAL A 1 6  ? -1.322 -1.173  1.492   1.00 0.00 ? 6  VAL A HA   5 
ATOM   969  H HB   . VAL A 1 6  ? 0.957  -0.533  3.374   1.00 0.00 ? 6  VAL A HB   5 
ATOM   970  H HG11 . VAL A 1 6  ? -0.687 1.236   3.213   1.00 0.00 ? 6  VAL A HG11 5 
ATOM   971  H HG12 . VAL A 1 6  ? -0.946 0.386   4.736   1.00 0.00 ? 6  VAL A HG12 5 
ATOM   972  H HG13 . VAL A 1 6  ? -2.009 0.080   3.362   1.00 0.00 ? 6  VAL A HG13 5 
ATOM   973  H HG21 . VAL A 1 6  ? -0.090 -1.981  4.998   1.00 0.00 ? 6  VAL A HG21 5 
ATOM   974  H HG22 . VAL A 1 6  ? 0.144  -2.931  3.529   1.00 0.00 ? 6  VAL A HG22 5 
ATOM   975  H HG23 . VAL A 1 6  ? -1.454 -2.289  3.921   1.00 0.00 ? 6  VAL A HG23 5 
ATOM   976  N N    . LYS A 1 7  ? 1.564  0.163   0.688   1.00 0.00 ? 7  LYS A N    5 
ATOM   977  C CA   . LYS A 1 7  ? 2.191  1.258   -0.044  1.00 0.00 ? 7  LYS A CA   5 
ATOM   978  C C    . LYS A 1 7  ? 1.718  1.266   -1.494  1.00 0.00 ? 7  LYS A C    5 
ATOM   979  O O    . LYS A 1 7  ? 1.604  2.323   -2.114  1.00 0.00 ? 7  LYS A O    5 
ATOM   980  C CB   . LYS A 1 7  ? 3.716  1.111   0.011   1.00 0.00 ? 7  LYS A CB   5 
ATOM   981  C CG   . LYS A 1 7  ? 4.234  1.595   1.378   1.00 0.00 ? 7  LYS A CG   5 
ATOM   982  C CD   . LYS A 1 7  ? 5.344  0.665   1.878   1.00 0.00 ? 7  LYS A CD   5 
ATOM   983  C CE   . LYS A 1 7  ? 6.552  0.755   0.945   1.00 0.00 ? 7  LYS A CE   5 
ATOM   984  N NZ   . LYS A 1 7  ? 7.090  2.145   0.959   1.00 0.00 ? 7  LYS A NZ   5 
ATOM   985  H H    . LYS A 1 7  ? 2.119  -0.575  1.017   1.00 0.00 ? 7  LYS A H    5 
ATOM   986  H HA   . LYS A 1 7  ? 1.911  2.192   0.419   1.00 0.00 ? 7  LYS A HA   5 
ATOM   987  H HB2  . LYS A 1 7  ? 3.977  0.072   -0.132  1.00 0.00 ? 7  LYS A HB2  5 
ATOM   988  H HB3  . LYS A 1 7  ? 4.162  1.705   -0.772  1.00 0.00 ? 7  LYS A HB3  5 
ATOM   989  H HG2  . LYS A 1 7  ? 4.622  2.598   1.281   1.00 0.00 ? 7  LYS A HG2  5 
ATOM   990  H HG3  . LYS A 1 7  ? 3.423  1.595   2.094   1.00 0.00 ? 7  LYS A HG3  5 
ATOM   991  H HD2  . LYS A 1 7  ? 5.638  0.962   2.875   1.00 0.00 ? 7  LYS A HD2  5 
ATOM   992  H HD3  . LYS A 1 7  ? 4.983  -0.352  1.899   1.00 0.00 ? 7  LYS A HD3  5 
ATOM   993  H HE2  . LYS A 1 7  ? 7.316  0.071   1.281   1.00 0.00 ? 7  LYS A HE2  5 
ATOM   994  H HE3  . LYS A 1 7  ? 6.252  0.495   -0.059  1.00 0.00 ? 7  LYS A HE3  5 
ATOM   995  H HZ1  . LYS A 1 7  ? 7.467  2.362   1.903   1.00 0.00 ? 7  LYS A HZ1  5 
ATOM   996  H HZ2  . LYS A 1 7  ? 6.327  2.813   0.727   1.00 0.00 ? 7  LYS A HZ2  5 
ATOM   997  H HZ3  . LYS A 1 7  ? 7.852  2.230   0.257   1.00 0.00 ? 7  LYS A HZ3  5 
ATOM   998  N N    . LYS A 1 8  ? 1.434  0.082   -2.026  1.00 0.00 ? 8  LYS A N    5 
ATOM   999  C CA   . LYS A 1 8  ? 0.960  -0.029  -3.399  1.00 0.00 ? 8  LYS A CA   5 
ATOM   1000 C C    . LYS A 1 8  ? -0.508 0.383   -3.471  1.00 0.00 ? 8  LYS A C    5 
ATOM   1001 O O    . LYS A 1 8  ? -0.994 0.826   -4.512  1.00 0.00 ? 8  LYS A O    5 
ATOM   1002 C CB   . LYS A 1 8  ? 1.116  -1.472  -3.891  1.00 0.00 ? 8  LYS A CB   5 
ATOM   1003 C CG   . LYS A 1 8  ? 0.854  -1.541  -5.405  1.00 0.00 ? 8  LYS A CG   5 
ATOM   1004 C CD   . LYS A 1 8  ? 0.124  -2.846  -5.746  1.00 0.00 ? 8  LYS A CD   5 
ATOM   1005 C CE   . LYS A 1 8  ? -0.245 -2.858  -7.232  1.00 0.00 ? 8  LYS A CE   5 
ATOM   1006 N NZ   . LYS A 1 8  ? -1.364 -3.818  -7.455  1.00 0.00 ? 8  LYS A NZ   5 
ATOM   1007 H H    . LYS A 1 8  ? 1.534  -0.727  -1.483  1.00 0.00 ? 8  LYS A H    5 
ATOM   1008 H HA   . LYS A 1 8  ? 1.543  0.625   -4.030  1.00 0.00 ? 8  LYS A HA   5 
ATOM   1009 H HB2  . LYS A 1 8  ? 2.120  -1.812  -3.682  1.00 0.00 ? 8  LYS A HB2  5 
ATOM   1010 H HB3  . LYS A 1 8  ? 0.410  -2.103  -3.373  1.00 0.00 ? 8  LYS A HB3  5 
ATOM   1011 H HG2  . LYS A 1 8  ? 0.249  -0.701  -5.709  1.00 0.00 ? 8  LYS A HG2  5 
ATOM   1012 H HG3  . LYS A 1 8  ? 1.796  -1.512  -5.934  1.00 0.00 ? 8  LYS A HG3  5 
ATOM   1013 H HD2  . LYS A 1 8  ? 0.767  -3.685  -5.528  1.00 0.00 ? 8  LYS A HD2  5 
ATOM   1014 H HD3  . LYS A 1 8  ? -0.777 -2.919  -5.155  1.00 0.00 ? 8  LYS A HD3  5 
ATOM   1015 H HE2  . LYS A 1 8  ? -0.554 -1.870  -7.538  1.00 0.00 ? 8  LYS A HE2  5 
ATOM   1016 H HE3  . LYS A 1 8  ? 0.612  -3.165  -7.813  1.00 0.00 ? 8  LYS A HE3  5 
ATOM   1017 H HZ1  . LYS A 1 8  ? -2.216 -3.477  -6.966  1.00 0.00 ? 8  LYS A HZ1  5 
ATOM   1018 H HZ2  . LYS A 1 8  ? -1.099 -4.752  -7.082  1.00 0.00 ? 8  LYS A HZ2  5 
ATOM   1019 H HZ3  . LYS A 1 8  ? -1.559 -3.894  -8.473  1.00 0.00 ? 8  LYS A HZ3  5 
ATOM   1020 N N    . LEU A 1 9  ? -1.202 0.236   -2.349  1.00 0.00 ? 9  LEU A N    5 
ATOM   1021 C CA   . LEU A 1 9  ? -2.599 0.586   -2.260  1.00 0.00 ? 9  LEU A CA   5 
ATOM   1022 C C    . LEU A 1 9  ? -2.748 2.079   -1.990  1.00 0.00 ? 9  LEU A C    5 
ATOM   1023 O O    . LEU A 1 9  ? -3.476 2.779   -2.691  1.00 0.00 ? 9  LEU A O    5 
ATOM   1024 C CB   . LEU A 1 9  ? -3.222 -0.216  -1.121  1.00 0.00 ? 9  LEU A CB   5 
ATOM   1025 C CG   . LEU A 1 9  ? -4.671 0.206   -0.942  1.00 0.00 ? 9  LEU A CG   5 
ATOM   1026 C CD1  . LEU A 1 9  ? -5.543 -0.433  -2.028  1.00 0.00 ? 9  LEU A CD1  5 
ATOM   1027 C CD2  . LEU A 1 9  ? -5.166 -0.232  0.438   1.00 0.00 ? 9  LEU A CD2  5 
ATOM   1028 H H    . LEU A 1 9  ? -0.765 -0.113  -1.552  1.00 0.00 ? 9  LEU A H    5 
ATOM   1029 H HA   . LEU A 1 9  ? -3.096 0.337   -3.183  1.00 0.00 ? 9  LEU A HA   5 
ATOM   1030 H HB2  . LEU A 1 9  ? -3.171 -1.269  -1.351  1.00 0.00 ? 9  LEU A HB2  5 
ATOM   1031 H HB3  . LEU A 1 9  ? -2.677 -0.020  -0.209  1.00 0.00 ? 9  LEU A HB3  5 
ATOM   1032 H HG   . LEU A 1 9  ? -4.721 1.273   -1.022  1.00 0.00 ? 9  LEU A HG   5 
ATOM   1033 H HD11 . LEU A 1 9  ? -5.377 0.072   -2.967  1.00 0.00 ? 9  LEU A HD11 5 
ATOM   1034 H HD12 . LEU A 1 9  ? -6.583 -0.344  -1.752  1.00 0.00 ? 9  LEU A HD12 5 
ATOM   1035 H HD13 . LEU A 1 9  ? -5.288 -1.477  -2.131  1.00 0.00 ? 9  LEU A HD13 5 
ATOM   1036 H HD21 . LEU A 1 9  ? -6.236 -0.094  0.497   1.00 0.00 ? 9  LEU A HD21 5 
ATOM   1037 H HD22 . LEU A 1 9  ? -4.684 0.364   1.198   1.00 0.00 ? 9  LEU A HD22 5 
ATOM   1038 H HD23 . LEU A 1 9  ? -4.928 -1.273  0.592   1.00 0.00 ? 9  LEU A HD23 5 
ATOM   1039 N N    . VAL A 1 10 ? -2.055 2.558   -0.965  1.00 0.00 ? 10 VAL A N    5 
ATOM   1040 C CA   . VAL A 1 10 ? -2.123 3.972   -0.611  1.00 0.00 ? 10 VAL A CA   5 
ATOM   1041 C C    . VAL A 1 10 ? -1.934 4.826   -1.840  1.00 0.00 ? 10 VAL A C    5 
ATOM   1042 O O    . VAL A 1 10 ? -2.756 5.684   -2.165  1.00 0.00 ? 10 VAL A O    5 
ATOM   1043 C CB   . VAL A 1 10 ? -1.031 4.315   0.421   1.00 0.00 ? 10 VAL A CB   5 
ATOM   1044 C CG1  . VAL A 1 10 ? 0.261  4.823   -0.251  1.00 0.00 ? 10 VAL A CG1  5 
ATOM   1045 C CG2  . VAL A 1 10 ? -1.551 5.404   1.358   1.00 0.00 ? 10 VAL A CG2  5 
ATOM   1046 H H    . VAL A 1 10 ? -1.494 1.950   -0.437  1.00 0.00 ? 10 VAL A H    5 
ATOM   1047 H HA   . VAL A 1 10 ? -3.092 4.179   -0.182  1.00 0.00 ? 10 VAL A HA   5 
ATOM   1048 H HB   . VAL A 1 10 ? -0.798 3.434   0.980   1.00 0.00 ? 10 VAL A HB   5 
ATOM   1049 H HG11 . VAL A 1 10 ? 0.636  4.076   -0.932  1.00 0.00 ? 10 VAL A HG11 5 
ATOM   1050 H HG12 . VAL A 1 10 ? 1.004  5.012   0.508   1.00 0.00 ? 10 VAL A HG12 5 
ATOM   1051 H HG13 . VAL A 1 10 ? 0.063  5.741   -0.786  1.00 0.00 ? 10 VAL A HG13 5 
ATOM   1052 H HG21 . VAL A 1 10 ? -0.766 5.702   2.034   1.00 0.00 ? 10 VAL A HG21 5 
ATOM   1053 H HG22 . VAL A 1 10 ? -2.390 5.025   1.919   1.00 0.00 ? 10 VAL A HG22 5 
ATOM   1054 H HG23 . VAL A 1 10 ? -1.865 6.257   0.773   1.00 0.00 ? 10 VAL A HG23 5 
ATOM   1055 N N    . SER A 1 11 ? -0.818 4.598   -2.488  1.00 0.00 ? 11 SER A N    5 
ATOM   1056 C CA   . SER A 1 11 ? -0.464 5.360   -3.663  1.00 0.00 ? 11 SER A CA   5 
ATOM   1057 C C    . SER A 1 11 ? -1.606 5.360   -4.678  1.00 0.00 ? 11 SER A C    5 
ATOM   1058 O O    . SER A 1 11 ? -1.861 6.367   -5.339  1.00 0.00 ? 11 SER A O    5 
ATOM   1059 C CB   . SER A 1 11 ? 0.798  4.786   -4.306  1.00 0.00 ? 11 SER A CB   5 
ATOM   1060 O OG   . SER A 1 11 ? 1.232  5.653   -5.345  1.00 0.00 ? 11 SER A OG   5 
ATOM   1061 H H    . SER A 1 11 ? -0.202 3.915   -2.140  1.00 0.00 ? 11 SER A H    5 
ATOM   1062 H HA   . SER A 1 11 ? -0.266 6.372   -3.347  1.00 0.00 ? 11 SER A HA   5 
ATOM   1063 H HB2  . SER A 1 11 ? 1.576  4.704   -3.565  1.00 0.00 ? 11 SER A HB2  5 
ATOM   1064 H HB3  . SER A 1 11 ? 0.582  3.805   -4.708  1.00 0.00 ? 11 SER A HB3  5 
ATOM   1065 H HG   . SER A 1 11 ? 1.663  6.410   -4.940  1.00 0.00 ? 11 SER A HG   5 
ATOM   1066 N N    . ASP A 1 12 ? -2.283 4.224   -4.797  1.00 0.00 ? 12 ASP A N    5 
ATOM   1067 C CA   . ASP A 1 12 ? -3.392 4.102   -5.739  1.00 0.00 ? 12 ASP A CA   5 
ATOM   1068 C C    . ASP A 1 12 ? -4.530 5.044   -5.358  1.00 0.00 ? 12 ASP A C    5 
ATOM   1069 O O    . ASP A 1 12 ? -5.241 5.553   -6.225  1.00 0.00 ? 12 ASP A O    5 
ATOM   1070 C CB   . ASP A 1 12 ? -3.903 2.658   -5.766  1.00 0.00 ? 12 ASP A CB   5 
ATOM   1071 C CG   . ASP A 1 12 ? -2.785 1.720   -6.204  1.00 0.00 ? 12 ASP A CG   5 
ATOM   1072 O OD1  . ASP A 1 12 ? -1.821 2.203   -6.777  1.00 0.00 ? 12 ASP A OD1  5 
ATOM   1073 O OD2  . ASP A 1 12 ? -2.907 0.530   -5.961  1.00 0.00 ? 12 ASP A OD2  5 
ATOM   1074 H H    . ASP A 1 12 ? -2.032 3.454   -4.245  1.00 0.00 ? 12 ASP A H    5 
ATOM   1075 H HA   . ASP A 1 12 ? -3.040 4.363   -6.725  1.00 0.00 ? 12 ASP A HA   5 
ATOM   1076 H HB2  . ASP A 1 12 ? -4.241 2.377   -4.779  1.00 0.00 ? 12 ASP A HB2  5 
ATOM   1077 H HB3  . ASP A 1 12 ? -4.725 2.582   -6.460  1.00 0.00 ? 12 ASP A HB3  5 
ATOM   1078 N N    . PHE A 1 13 ? -4.695 5.277   -4.060  1.00 0.00 ? 13 PHE A N    5 
ATOM   1079 C CA   . PHE A 1 13 ? -5.748 6.167   -3.584  1.00 0.00 ? 13 PHE A CA   5 
ATOM   1080 C C    . PHE A 1 13 ? -5.441 6.655   -2.170  1.00 0.00 ? 13 PHE A C    5 
ATOM   1081 O O    . PHE A 1 13 ? -5.532 7.850   -1.887  1.00 0.00 ? 13 PHE A O    5 
ATOM   1082 C CB   . PHE A 1 13 ? -7.097 5.447   -3.615  1.00 0.00 ? 13 PHE A CB   5 
ATOM   1083 C CG   . PHE A 1 13 ? -7.337 4.771   -2.297  1.00 0.00 ? 13 PHE A CG   5 
ATOM   1084 C CD1  . PHE A 1 13 ? -7.890 5.495   -1.238  1.00 0.00 ? 13 PHE A CD1  5 
ATOM   1085 C CD2  . PHE A 1 13 ? -7.008 3.425   -2.137  1.00 0.00 ? 13 PHE A CD2  5 
ATOM   1086 C CE1  . PHE A 1 13 ? -8.116 4.868   -0.008  1.00 0.00 ? 13 PHE A CE1  5 
ATOM   1087 C CE2  . PHE A 1 13 ? -7.234 2.793   -0.907  1.00 0.00 ? 13 PHE A CE2  5 
ATOM   1088 C CZ   . PHE A 1 13 ? -7.790 3.515   0.158   1.00 0.00 ? 13 PHE A CZ   5 
ATOM   1089 H H    . PHE A 1 13 ? -4.097 4.848   -3.414  1.00 0.00 ? 13 PHE A H    5 
ATOM   1090 H HA   . PHE A 1 13 ? -5.805 7.016   -4.232  1.00 0.00 ? 13 PHE A HA   5 
ATOM   1091 H HB2  . PHE A 1 13 ? -7.885 6.163   -3.799  1.00 0.00 ? 13 PHE A HB2  5 
ATOM   1092 H HB3  . PHE A 1 13 ? -7.092 4.708   -4.402  1.00 0.00 ? 13 PHE A HB3  5 
ATOM   1093 H HD1  . PHE A 1 13 ? -8.136 6.542   -1.373  1.00 0.00 ? 13 PHE A HD1  5 
ATOM   1094 H HD2  . PHE A 1 13 ? -6.575 2.877   -2.962  1.00 0.00 ? 13 PHE A HD2  5 
ATOM   1095 H HE1  . PHE A 1 13 ? -8.545 5.425   0.813   1.00 0.00 ? 13 PHE A HE1  5 
ATOM   1096 H HE2  . PHE A 1 13 ? -6.981 1.752   -0.780  1.00 0.00 ? 13 PHE A HE2  5 
ATOM   1097 H HZ   . PHE A 1 13 ? -7.965 3.029   1.106   1.00 0.00 ? 13 PHE A HZ   5 
HETATM 1098 N N    . NH2 A 1 14 ? -5.078 5.794   -1.259  1.00 0.00 ? 14 NH2 A N    5 
HETATM 1099 H HN1  . NH2 A 1 14 ? -5.006 4.843   -1.484  1.00 0.00 ? 14 NH2 A HN1  5 
HETATM 1100 H HN2  . NH2 A 1 14 ? -4.877 6.098   -0.350  1.00 0.00 ? 14 NH2 A HN2  5 
# 
